data_4DYJ
#
_entry.id   4DYJ
#
_cell.length_a   142.252
_cell.length_b   118.740
_cell.length_c   77.780
_cell.angle_alpha   90.00
_cell.angle_beta   100.71
_cell.angle_gamma   90.00
#
_symmetry.space_group_name_H-M   'C 1 2 1'
#
loop_
_entity.id
_entity.type
_entity.pdbx_description
1 polymer 'broad specificity amino acid racemase'
2 non-polymer 'SULFATE ION'
3 non-polymer GLYCEROL
4 water water
#
_entity_poly.entity_id   1
_entity_poly.type   'polypeptide(L)'
_entity_poly.pdbx_seq_one_letter_code
;MPFRRTLLAASLALLITGQAPLYAAPPLSMDNGTNALTVQNSNAWVEVSASALQHNIRTLQAELAGKSRLCAVL(LLP)A
DAYGHGIGLVMPSIIAQGVPCVAVASNEEARVVRASGFTGQLVRVRLASLSELEDALQYDMEELVGSAEFARQVDAIAAR
HGKTLRIHMALNSSGMSRNGVEMATWSGRGEALQITDQKHLKLVALMTHFAVEDKDDVRKGLAAFNEQTDWLIKHAKLDR
SKLTLHAANSFATLEVPEARLDMVRTGGALFGDTVPARTEYQRAMQFKSHVAAVHSYPAGNTVGYDRTFTLARDSRLANI
TVGYSDGYRRVFTNKGHVLINGHRIPVVGKVSMNTLMVDVTDFPDVKGGNEVVLFGKQAGGEITQAEMEEINGALLADLY
TVWGSSNPKILVD
;
_entity_poly.pdbx_strand_id   A,B
#
loop_
_chem_comp.id
_chem_comp.type
_chem_comp.name
_chem_comp.formula
GOL non-polymer GLYCEROL 'C3 H8 O3'
SO4 non-polymer 'SULFATE ION' 'O4 S -2'
#
# COMPACT_ATOMS: atom_id res chain seq x y z
N PRO A 26 -0.36 8.90 3.71
CA PRO A 26 -0.31 8.97 2.20
C PRO A 26 -0.68 10.39 1.74
N PRO A 27 0.29 11.13 1.13
CA PRO A 27 -0.06 12.48 0.66
C PRO A 27 -1.21 12.43 -0.35
N LEU A 28 -2.18 13.32 -0.25
CA LEU A 28 -3.15 13.45 -1.34
C LEU A 28 -2.80 14.58 -2.32
N SER A 29 -1.65 15.22 -2.11
CA SER A 29 -1.14 16.08 -3.17
C SER A 29 0.33 15.88 -3.35
N MET A 30 0.73 15.68 -4.60
CA MET A 30 2.12 15.53 -4.92
C MET A 30 2.51 15.90 -6.30
N ASP A 31 3.79 16.24 -6.40
CA ASP A 31 4.36 16.79 -7.59
C ASP A 31 5.61 16.00 -7.93
N ASN A 32 5.50 15.15 -8.95
CA ASN A 32 6.62 14.37 -9.42
C ASN A 32 7.32 13.72 -8.25
N GLY A 33 6.55 13.05 -7.39
CA GLY A 33 7.12 12.25 -6.34
C GLY A 33 7.47 13.03 -5.09
N THR A 34 6.97 14.25 -4.99
CA THR A 34 7.44 15.22 -4.04
C THR A 34 6.24 15.62 -3.27
N ASN A 35 6.35 15.68 -1.94
CA ASN A 35 5.24 16.10 -1.12
C ASN A 35 5.58 17.32 -0.28
N ALA A 36 4.57 17.93 0.34
CA ALA A 36 4.79 19.12 1.13
C ALA A 36 4.66 18.84 2.64
N LEU A 37 4.51 17.58 3.00
CA LEU A 37 4.39 17.16 4.39
C LEU A 37 5.69 17.22 5.21
N THR A 38 5.57 17.15 6.55
CA THR A 38 6.74 17.12 7.43
C THR A 38 6.49 15.98 8.43
N VAL A 39 7.53 15.60 9.17
CA VAL A 39 7.38 14.60 10.22
C VAL A 39 6.29 15.03 11.25
N GLN A 40 6.20 16.33 11.52
CA GLN A 40 5.31 16.88 12.54
C GLN A 40 3.84 16.70 12.21
N ASN A 41 3.49 16.76 10.92
CA ASN A 41 2.10 16.62 10.52
C ASN A 41 1.77 15.33 9.80
N SER A 42 2.68 14.37 9.83
CA SER A 42 2.43 13.05 9.26
C SER A 42 2.17 12.00 10.35
N ASN A 43 1.09 11.27 10.24
CA ASN A 43 0.79 10.22 11.20
C ASN A 43 1.87 9.13 11.25
N ALA A 44 2.42 8.79 10.09
CA ALA A 44 3.52 7.83 9.99
C ALA A 44 4.33 8.19 8.77
N TRP A 45 5.62 7.85 8.73
CA TRP A 45 6.46 8.26 7.59
C TRP A 45 7.64 7.31 7.28
N VAL A 46 8.07 7.34 6.03
CA VAL A 46 9.18 6.53 5.61
C VAL A 46 10.37 7.47 5.49
N GLU A 47 11.40 7.20 6.27
CA GLU A 47 12.59 8.06 6.28
C GLU A 47 13.59 7.45 5.32
N VAL A 48 14.01 8.23 4.35
CA VAL A 48 14.95 7.74 3.31
C VAL A 48 16.30 8.47 3.43
N SER A 49 17.35 7.72 3.74
CA SER A 49 18.69 8.31 3.89
C SER A 49 19.43 8.52 2.56
N ALA A 50 19.59 9.78 2.20
CA ALA A 50 20.34 10.22 1.01
C ALA A 50 21.79 9.72 1.04
N SER A 51 22.43 9.80 2.20
CA SER A 51 23.79 9.42 2.27
C SER A 51 23.95 7.89 2.29
N ALA A 52 22.96 7.13 2.75
CA ALA A 52 23.07 5.65 2.63
C ALA A 52 22.97 5.26 1.15
N LEU A 53 22.06 5.90 0.45
CA LEU A 53 21.95 5.70 -0.97
C LEU A 53 23.26 5.96 -1.71
N GLN A 54 23.85 7.12 -1.48
CA GLN A 54 25.05 7.50 -2.20
C GLN A 54 26.24 6.61 -1.84
N HIS A 55 26.28 6.16 -0.60
CA HIS A 55 27.31 5.25 -0.19
C HIS A 55 27.18 3.92 -0.94
N ASN A 56 25.95 3.44 -1.10
CA ASN A 56 25.74 2.14 -1.72
C ASN A 56 26.04 2.23 -3.22
N ILE A 57 25.66 3.35 -3.84
CA ILE A 57 26.06 3.59 -5.20
C ILE A 57 27.59 3.54 -5.33
N ARG A 58 28.31 4.29 -4.51
CA ARG A 58 29.77 4.38 -4.62
C ARG A 58 30.38 2.99 -4.40
N THR A 59 29.84 2.25 -3.44
CA THR A 59 30.30 0.91 -3.14
C THR A 59 30.12 0.03 -4.34
N LEU A 60 28.95 0.05 -4.96
CA LEU A 60 28.69 -0.78 -6.14
C LEU A 60 29.61 -0.41 -7.29
N GLN A 61 29.78 0.89 -7.53
CA GLN A 61 30.64 1.33 -8.58
C GLN A 61 32.05 0.78 -8.31
N ALA A 62 32.49 0.86 -7.06
CA ALA A 62 33.84 0.36 -6.72
C ALA A 62 33.93 -1.14 -6.96
N GLU A 63 32.85 -1.87 -6.70
CA GLU A 63 32.89 -3.30 -6.88
C GLU A 63 32.89 -3.65 -8.38
N LEU A 64 32.22 -2.86 -9.22
CA LEU A 64 32.25 -3.15 -10.66
C LEU A 64 33.62 -2.84 -11.26
N ALA A 65 34.30 -1.88 -10.62
CA ALA A 65 35.67 -1.49 -11.00
C ALA A 65 35.79 -1.14 -12.49
N GLY A 66 34.77 -0.54 -13.06
CA GLY A 66 34.81 -0.18 -14.48
C GLY A 66 34.87 -1.33 -15.47
N LYS A 67 34.47 -2.53 -15.08
CA LYS A 67 34.49 -3.65 -16.05
C LYS A 67 33.09 -3.96 -16.63
N SER A 68 32.08 -3.34 -16.02
CA SER A 68 30.69 -3.59 -16.31
C SER A 68 30.01 -2.29 -15.93
N ARG A 69 28.83 -2.00 -16.46
CA ARG A 69 28.20 -0.74 -16.08
C ARG A 69 26.98 -0.91 -15.17
N LEU A 70 26.63 0.16 -14.48
CA LEU A 70 25.56 0.09 -13.51
C LEU A 70 24.24 0.65 -14.06
N CYS A 71 23.18 -0.14 -13.93
CA CYS A 71 21.84 0.32 -14.16
C CYS A 71 21.07 0.21 -12.85
N ALA A 72 20.60 1.35 -12.38
CA ALA A 72 19.85 1.41 -11.14
C ALA A 72 18.41 1.06 -11.42
N VAL A 73 17.95 0.01 -10.76
CA VAL A 73 16.61 -0.49 -10.87
C VAL A 73 15.72 0.23 -9.86
N LEU A 74 14.80 1.03 -10.38
CA LEU A 74 14.04 1.99 -9.59
C LEU A 74 12.54 1.66 -9.70
N1 LLP A 75 16.11 -6.92 -13.05
C2 LLP A 75 14.78 -7.28 -13.17
C2' LLP A 75 14.25 -7.76 -14.51
C3 LLP A 75 13.98 -7.31 -12.01
O3 LLP A 75 12.77 -7.62 -12.08
C4 LLP A 75 14.53 -6.94 -10.75
C4' LLP A 75 13.60 -6.79 -9.58
C5 LLP A 75 15.86 -6.54 -10.65
C6 LLP A 75 16.65 -6.57 -11.81
C5' LLP A 75 16.45 -6.15 -9.31
OP4 LLP A 75 16.65 -7.21 -8.28
P LLP A 75 17.44 -6.96 -6.87
OP1 LLP A 75 18.68 -6.22 -7.21
OP2 LLP A 75 16.51 -6.12 -6.10
OP3 LLP A 75 17.61 -8.30 -6.35
N LLP A 75 12.23 0.43 -10.08
CA LLP A 75 10.85 -0.03 -10.09
CB LLP A 75 10.74 -1.47 -10.63
CG LLP A 75 11.33 -2.53 -9.74
CD LLP A 75 11.40 -3.91 -10.46
CE LLP A 75 11.90 -4.98 -9.48
NZ LLP A 75 12.51 -6.16 -10.15
C LLP A 75 10.16 0.12 -8.71
O LLP A 75 10.83 0.32 -7.70
N ALA A 76 8.82 0.07 -8.69
CA ALA A 76 8.07 0.14 -7.44
C ALA A 76 8.34 1.43 -6.68
N ASP A 77 8.49 2.50 -7.48
CA ASP A 77 8.80 3.83 -6.98
C ASP A 77 10.09 3.82 -6.14
N ALA A 78 11.16 3.41 -6.78
CA ALA A 78 12.46 3.25 -6.13
C ALA A 78 12.30 2.35 -4.95
N TYR A 79 11.58 1.25 -5.13
CA TYR A 79 11.40 0.27 -4.05
C TYR A 79 10.78 0.88 -2.80
N GLY A 80 9.91 1.87 -2.99
CA GLY A 80 9.23 2.47 -1.87
C GLY A 80 10.06 3.58 -1.29
N HIS A 81 11.20 3.87 -1.88
CA HIS A 81 12.03 4.96 -1.41
C HIS A 81 11.68 6.29 -2.04
N GLY A 82 10.87 6.26 -3.10
CA GLY A 82 10.52 7.48 -3.82
C GLY A 82 11.47 7.78 -4.96
N ILE A 83 11.07 7.38 -6.17
CA ILE A 83 11.82 7.71 -7.39
C ILE A 83 12.20 9.20 -7.48
N GLY A 84 11.31 10.09 -7.06
CA GLY A 84 11.57 11.54 -7.12
C GLY A 84 12.55 12.01 -6.05
N LEU A 85 12.66 11.28 -4.95
CA LEU A 85 13.67 11.54 -3.92
C LEU A 85 15.06 11.01 -4.30
N VAL A 86 15.06 9.84 -4.93
CA VAL A 86 16.24 9.09 -5.24
C VAL A 86 17.01 9.64 -6.47
N MET A 87 16.29 10.21 -7.44
CA MET A 87 16.93 10.55 -8.73
C MET A 87 18.07 11.51 -8.61
N PRO A 88 17.96 12.49 -7.69
CA PRO A 88 19.10 13.44 -7.65
C PRO A 88 20.44 12.79 -7.24
N SER A 89 20.40 11.76 -6.38
CA SER A 89 21.60 10.98 -6.06
C SER A 89 22.13 10.23 -7.31
N ILE A 90 21.21 9.56 -8.04
CA ILE A 90 21.54 8.84 -9.24
C ILE A 90 22.25 9.76 -10.23
N ILE A 91 21.70 10.96 -10.42
CA ILE A 91 22.28 11.92 -11.34
C ILE A 91 23.66 12.40 -10.80
N ALA A 92 23.69 12.76 -9.51
CA ALA A 92 24.91 13.16 -8.85
C ALA A 92 26.04 12.14 -9.05
N GLN A 93 25.77 10.85 -8.82
CA GLN A 93 26.80 9.81 -8.96
C GLN A 93 27.06 9.37 -10.41
N GLY A 94 26.47 10.03 -11.40
CA GLY A 94 26.75 9.71 -12.80
C GLY A 94 26.34 8.31 -13.24
N VAL A 95 25.30 7.75 -12.63
CA VAL A 95 24.83 6.45 -13.05
C VAL A 95 24.25 6.54 -14.47
N PRO A 96 24.67 5.63 -15.34
CA PRO A 96 24.36 5.83 -16.77
C PRO A 96 23.03 5.21 -17.22
N CYS A 97 22.49 4.29 -16.43
CA CYS A 97 21.32 3.56 -16.84
C CYS A 97 20.33 3.47 -15.68
N VAL A 98 19.04 3.61 -16.00
CA VAL A 98 17.94 3.50 -15.04
C VAL A 98 16.83 2.57 -15.57
N ALA A 99 16.35 1.71 -14.71
CA ALA A 99 15.31 0.75 -15.10
C ALA A 99 14.08 1.02 -14.27
N VAL A 100 12.91 1.02 -14.88
CA VAL A 100 11.68 1.33 -14.12
C VAL A 100 10.66 0.32 -14.56
N ALA A 101 9.48 0.39 -13.97
CA ALA A 101 8.39 -0.51 -14.34
C ALA A 101 7.17 0.26 -14.94
N SER A 102 6.80 1.40 -14.35
CA SER A 102 5.56 2.05 -14.75
C SER A 102 5.83 3.34 -15.52
N ASN A 103 4.79 3.80 -16.22
CA ASN A 103 4.88 4.99 -17.00
C ASN A 103 5.13 6.24 -16.14
N GLU A 104 4.56 6.28 -14.92
CA GLU A 104 4.77 7.43 -14.02
C GLU A 104 6.22 7.47 -13.55
N GLU A 105 6.79 6.29 -13.30
CA GLU A 105 8.20 6.21 -12.91
C GLU A 105 9.04 6.77 -14.04
N ALA A 106 8.77 6.31 -15.27
CA ALA A 106 9.46 6.84 -16.44
C ALA A 106 9.34 8.38 -16.58
N ARG A 107 8.13 8.90 -16.33
CA ARG A 107 7.87 10.31 -16.51
C ARG A 107 8.69 11.07 -15.49
N VAL A 108 8.80 10.52 -14.29
CA VAL A 108 9.52 11.19 -13.22
C VAL A 108 11.02 11.16 -13.45
N VAL A 109 11.54 10.03 -13.93
CA VAL A 109 12.94 9.97 -14.31
C VAL A 109 13.29 11.07 -15.33
N ARG A 110 12.49 11.19 -16.37
CA ARG A 110 12.74 12.19 -17.39
C ARG A 110 12.56 13.63 -16.88
N ALA A 111 11.59 13.85 -15.99
CA ALA A 111 11.34 15.22 -15.56
C ALA A 111 12.48 15.67 -14.64
N SER A 112 13.20 14.70 -14.06
CA SER A 112 14.31 14.99 -13.17
C SER A 112 15.56 15.47 -13.96
N GLY A 113 15.51 15.41 -15.29
CA GLY A 113 16.61 15.87 -16.14
C GLY A 113 17.47 14.75 -16.70
N PHE A 114 17.23 13.52 -16.24
CA PHE A 114 18.03 12.40 -16.60
C PHE A 114 17.89 12.09 -18.06
N THR A 115 19.01 11.92 -18.70
CA THR A 115 18.95 11.88 -20.13
C THR A 115 19.51 10.58 -20.70
N GLY A 116 19.89 9.66 -19.82
CA GLY A 116 20.55 8.44 -20.24
C GLY A 116 19.62 7.27 -20.55
N GLN A 117 20.19 6.08 -20.54
CA GLN A 117 19.47 4.88 -20.89
C GLN A 117 18.41 4.62 -19.83
N LEU A 118 17.18 4.48 -20.32
CA LEU A 118 16.02 4.21 -19.50
C LEU A 118 15.30 2.99 -20.10
N VAL A 119 15.12 1.94 -19.32
CA VAL A 119 14.56 0.70 -19.81
C VAL A 119 13.52 0.17 -18.85
N ARG A 120 12.50 -0.49 -19.37
CA ARG A 120 11.47 -1.08 -18.55
C ARG A 120 11.88 -2.49 -18.24
N VAL A 121 11.83 -2.89 -16.98
CA VAL A 121 12.21 -4.25 -16.67
C VAL A 121 11.09 -5.22 -16.55
N ARG A 122 9.93 -4.90 -17.11
CA ARG A 122 8.84 -5.88 -17.30
C ARG A 122 8.16 -5.60 -18.66
N LEU A 123 7.34 -6.56 -19.13
CA LEU A 123 6.49 -6.31 -20.28
C LEU A 123 5.43 -5.30 -19.88
N ALA A 124 5.22 -4.34 -20.77
CA ALA A 124 4.13 -3.39 -20.67
C ALA A 124 2.91 -3.93 -21.45
N SER A 125 1.71 -3.50 -21.12
CA SER A 125 0.60 -3.68 -22.09
C SER A 125 0.75 -2.68 -23.24
N LEU A 126 0.04 -2.96 -24.34
CA LEU A 126 0.25 -2.22 -25.57
C LEU A 126 -0.07 -0.76 -25.38
N SER A 127 -1.15 -0.48 -24.68
CA SER A 127 -1.59 0.89 -24.60
C SER A 127 -0.74 1.61 -23.57
N GLU A 128 -0.20 0.85 -22.62
CA GLU A 128 0.77 1.44 -21.68
C GLU A 128 2.08 1.77 -22.41
N LEU A 129 2.55 0.85 -23.23
CA LEU A 129 3.71 1.08 -24.08
C LEU A 129 3.55 2.28 -25.04
N GLU A 130 2.40 2.40 -25.64
CA GLU A 130 2.11 3.49 -26.52
C GLU A 130 2.22 4.83 -25.81
N ASP A 131 1.69 4.90 -24.59
CA ASP A 131 1.74 6.13 -23.81
C ASP A 131 3.16 6.53 -23.38
N ALA A 132 4.10 5.58 -23.39
CA ALA A 132 5.48 5.81 -22.92
C ALA A 132 6.47 6.11 -24.04
N LEU A 133 6.00 6.06 -25.30
CA LEU A 133 6.84 6.45 -26.43
C LEU A 133 7.44 7.82 -26.19
N GLN A 134 6.69 8.69 -25.51
CA GLN A 134 7.13 10.07 -25.33
C GLN A 134 8.33 10.16 -24.46
N TYR A 135 8.66 9.08 -23.73
CA TYR A 135 9.78 9.10 -22.78
C TYR A 135 11.11 8.50 -23.27
N ASP A 136 11.13 8.03 -24.53
CA ASP A 136 12.28 7.32 -25.12
C ASP A 136 12.77 6.19 -24.25
N MET A 137 11.84 5.35 -23.89
CA MET A 137 12.15 4.24 -23.06
C MET A 137 12.43 3.01 -23.93
N GLU A 138 13.40 2.23 -23.50
CA GLU A 138 13.71 1.01 -24.18
C GLU A 138 12.76 -0.02 -23.63
N GLU A 139 12.07 -0.71 -24.50
CA GLU A 139 11.03 -1.59 -24.04
C GLU A 139 11.44 -3.03 -24.08
N LEU A 140 10.87 -3.82 -23.17
CA LEU A 140 11.21 -5.23 -23.06
C LEU A 140 10.30 -6.12 -23.94
N VAL A 141 10.86 -7.08 -24.67
CA VAL A 141 10.07 -7.91 -25.61
C VAL A 141 10.34 -9.40 -25.42
N GLY A 142 9.28 -10.21 -25.34
CA GLY A 142 9.44 -11.62 -25.04
C GLY A 142 8.70 -12.59 -25.94
N SER A 143 8.33 -12.15 -27.14
CA SER A 143 7.30 -12.83 -27.95
C SER A 143 7.27 -12.30 -29.34
N ALA A 144 7.11 -13.20 -30.30
CA ALA A 144 6.87 -12.76 -31.66
C ALA A 144 5.54 -11.98 -31.80
N GLU A 145 4.46 -12.54 -31.28
CA GLU A 145 3.15 -11.84 -31.35
C GLU A 145 3.21 -10.42 -30.72
N PHE A 146 3.76 -10.32 -29.51
CA PHE A 146 3.96 -9.06 -28.87
C PHE A 146 4.82 -8.15 -29.72
N ALA A 147 5.98 -8.65 -30.14
CA ALA A 147 6.84 -7.87 -30.99
C ALA A 147 6.09 -7.36 -32.23
N ARG A 148 5.25 -8.21 -32.84
CA ARG A 148 4.45 -7.72 -33.98
C ARG A 148 3.52 -6.58 -33.64
N GLN A 149 2.83 -6.72 -32.52
CA GLN A 149 1.91 -5.69 -32.07
C GLN A 149 2.62 -4.38 -31.76
N VAL A 150 3.80 -4.49 -31.14
CA VAL A 150 4.51 -3.33 -30.71
C VAL A 150 5.10 -2.63 -31.91
N ASP A 151 5.53 -3.42 -32.87
CA ASP A 151 6.04 -2.90 -34.10
C ASP A 151 5.00 -2.03 -34.82
N ALA A 152 3.74 -2.44 -34.78
CA ALA A 152 2.69 -1.68 -35.43
C ALA A 152 2.43 -0.34 -34.71
N ILE A 153 2.53 -0.35 -33.38
CA ILE A 153 2.35 0.86 -32.60
C ILE A 153 3.40 1.91 -32.91
N ALA A 154 4.68 1.52 -32.94
CA ALA A 154 5.75 2.44 -33.30
C ALA A 154 5.65 2.94 -34.73
N ALA A 155 5.26 2.06 -35.63
CA ALA A 155 5.06 2.43 -37.03
C ALA A 155 3.99 3.50 -37.15
N ARG A 156 2.88 3.30 -36.45
CA ARG A 156 1.81 4.29 -36.41
C ARG A 156 2.29 5.66 -35.98
N HIS A 157 3.26 5.72 -35.06
CA HIS A 157 3.76 7.00 -34.55
C HIS A 157 5.05 7.45 -35.21
N GLY A 158 5.46 6.77 -36.29
CA GLY A 158 6.72 7.06 -36.93
C GLY A 158 7.96 7.05 -36.04
N LYS A 159 7.97 6.21 -35.00
CA LYS A 159 9.14 6.07 -34.13
C LYS A 159 9.88 4.73 -34.35
N THR A 160 11.18 4.74 -34.12
CA THR A 160 11.95 3.50 -33.97
C THR A 160 12.10 3.19 -32.49
N LEU A 161 11.58 2.05 -32.07
CA LEU A 161 11.59 1.74 -30.68
C LEU A 161 12.71 0.74 -30.34
N ARG A 162 13.59 1.17 -29.45
CA ARG A 162 14.63 0.34 -28.94
C ARG A 162 14.11 -0.73 -27.97
N ILE A 163 14.51 -1.97 -28.20
CA ILE A 163 13.94 -3.07 -27.44
C ILE A 163 15.04 -3.95 -26.88
N HIS A 164 14.75 -4.55 -25.74
CA HIS A 164 15.65 -5.49 -25.11
C HIS A 164 14.87 -6.75 -25.25
N MET A 165 15.48 -7.74 -25.84
CA MET A 165 14.81 -8.99 -25.97
C MET A 165 15.11 -9.77 -24.72
N ALA A 166 14.08 -10.32 -24.10
CA ALA A 166 14.20 -11.08 -22.87
C ALA A 166 14.26 -12.59 -23.22
N LEU A 167 15.16 -13.31 -22.57
CA LEU A 167 15.32 -14.76 -22.81
C LEU A 167 15.06 -15.43 -21.50
N ASN A 168 14.57 -16.65 -21.57
CA ASN A 168 14.25 -17.39 -20.39
C ASN A 168 15.39 -18.30 -19.91
N SER A 169 16.63 -17.80 -19.97
CA SER A 169 17.81 -18.64 -19.68
C SER A 169 17.86 -19.27 -18.29
N SER A 170 17.48 -18.49 -17.28
CA SER A 170 17.41 -18.98 -15.92
C SER A 170 16.12 -19.75 -15.61
N GLY A 171 15.05 -19.45 -16.36
CA GLY A 171 13.80 -20.20 -16.29
C GLY A 171 12.71 -19.61 -15.39
N MET A 172 12.66 -18.27 -15.30
CA MET A 172 11.55 -17.56 -14.64
C MET A 172 10.19 -17.87 -15.30
N SER A 173 10.20 -18.01 -16.61
CA SER A 173 9.00 -18.22 -17.40
C SER A 173 8.03 -17.12 -17.11
N ARG A 174 8.49 -15.91 -17.38
CA ARG A 174 7.80 -14.72 -16.97
C ARG A 174 7.83 -13.73 -18.14
N ASN A 175 8.95 -13.04 -18.36
CA ASN A 175 9.07 -12.08 -19.48
C ASN A 175 9.72 -12.65 -20.79
N GLY A 176 10.37 -13.82 -20.71
CA GLY A 176 11.37 -14.20 -21.72
C GLY A 176 10.96 -15.25 -22.76
N VAL A 177 11.59 -15.21 -23.93
CA VAL A 177 11.42 -16.27 -24.90
C VAL A 177 12.24 -17.51 -24.56
N GLU A 178 11.62 -18.67 -24.75
CA GLU A 178 12.20 -19.93 -24.32
C GLU A 178 13.16 -20.44 -25.38
N MET A 179 14.45 -20.09 -25.23
CA MET A 179 15.46 -20.34 -26.23
C MET A 179 16.02 -21.76 -26.16
N ALA A 180 15.62 -22.55 -25.16
CA ALA A 180 15.95 -23.96 -25.15
C ALA A 180 15.02 -24.85 -26.00
N THR A 181 14.11 -24.26 -26.76
CA THR A 181 13.38 -24.97 -27.81
C THR A 181 13.67 -24.37 -29.18
N TRP A 182 13.44 -25.16 -30.22
CA TRP A 182 13.44 -24.66 -31.59
C TRP A 182 12.32 -23.62 -31.90
N SER A 183 11.18 -23.74 -31.24
CA SER A 183 10.15 -22.71 -31.34
C SER A 183 10.60 -21.35 -30.83
N GLY A 184 11.29 -21.36 -29.69
CA GLY A 184 11.91 -20.16 -29.17
C GLY A 184 12.89 -19.48 -30.11
N ARG A 185 13.79 -20.26 -30.66
CA ARG A 185 14.78 -19.70 -31.52
C ARG A 185 14.08 -19.07 -32.71
N GLY A 186 13.01 -19.76 -33.16
CA GLY A 186 12.16 -19.26 -34.20
C GLY A 186 11.50 -17.93 -33.84
N GLU A 187 10.86 -17.86 -32.67
CA GLU A 187 10.25 -16.56 -32.27
C GLU A 187 11.36 -15.50 -32.25
N ALA A 188 12.54 -15.88 -31.72
CA ALA A 188 13.62 -14.91 -31.62
C ALA A 188 14.00 -14.30 -32.98
N LEU A 189 14.14 -15.10 -34.04
CA LEU A 189 14.36 -14.55 -35.39
C LEU A 189 13.20 -13.68 -35.87
N GLN A 190 11.98 -14.12 -35.65
CA GLN A 190 10.84 -13.26 -36.01
C GLN A 190 10.94 -11.90 -35.32
N ILE A 191 11.33 -11.90 -34.04
CA ILE A 191 11.44 -10.67 -33.29
C ILE A 191 12.46 -9.75 -33.92
N THR A 192 13.58 -10.34 -34.37
CA THR A 192 14.65 -9.54 -35.02
C THR A 192 14.24 -9.03 -36.40
N ASP A 193 13.10 -9.47 -36.92
CA ASP A 193 12.65 -9.05 -38.24
C ASP A 193 11.68 -7.83 -38.24
N GLN A 194 11.55 -7.14 -37.11
CA GLN A 194 10.53 -6.09 -37.02
C GLN A 194 11.14 -4.73 -37.43
N LYS A 195 10.68 -4.15 -38.54
CA LYS A 195 11.31 -2.93 -39.13
C LYS A 195 11.45 -1.73 -38.21
N HIS A 196 10.48 -1.51 -37.33
CA HIS A 196 10.45 -0.33 -36.51
C HIS A 196 10.89 -0.61 -35.09
N LEU A 197 11.37 -1.84 -34.83
CA LEU A 197 12.06 -2.13 -33.61
C LEU A 197 13.55 -2.19 -33.87
N LYS A 198 14.34 -1.60 -32.98
CA LYS A 198 15.82 -1.75 -32.98
C LYS A 198 16.30 -2.56 -31.77
N LEU A 199 16.78 -3.76 -32.01
CA LEU A 199 17.26 -4.58 -30.94
C LEU A 199 18.56 -4.02 -30.36
N VAL A 200 18.57 -3.57 -29.10
CA VAL A 200 19.81 -3.03 -28.50
C VAL A 200 20.35 -3.89 -27.32
N ALA A 201 19.62 -4.95 -26.94
CA ALA A 201 20.07 -5.70 -25.77
C ALA A 201 19.43 -7.05 -25.76
N LEU A 202 20.07 -7.99 -25.05
CA LEU A 202 19.50 -9.31 -24.75
C LEU A 202 19.66 -9.50 -23.25
N MET A 203 18.62 -9.96 -22.57
CA MET A 203 18.71 -10.05 -21.13
C MET A 203 18.09 -11.33 -20.60
N THR A 204 18.39 -11.67 -19.36
CA THR A 204 17.64 -12.69 -18.66
C THR A 204 17.59 -12.31 -17.18
N HIS A 205 16.93 -13.11 -16.36
CA HIS A 205 16.84 -12.77 -14.95
C HIS A 205 16.93 -14.08 -14.17
N PHE A 206 17.74 -14.09 -13.11
CA PHE A 206 17.99 -15.35 -12.38
C PHE A 206 16.81 -15.71 -11.48
N ALA A 207 16.42 -16.97 -11.46
CA ALA A 207 15.26 -17.32 -10.68
C ALA A 207 15.54 -17.68 -9.21
N VAL A 208 16.80 -17.98 -8.89
CA VAL A 208 17.13 -18.48 -7.56
C VAL A 208 18.40 -17.79 -7.06
N GLU A 209 18.38 -17.30 -5.82
CA GLU A 209 19.59 -16.67 -5.27
C GLU A 209 20.47 -17.75 -4.65
N ASP A 210 21.15 -18.46 -5.54
CA ASP A 210 22.04 -19.52 -5.17
C ASP A 210 23.13 -19.49 -6.22
N LYS A 211 24.39 -19.46 -5.80
CA LYS A 211 25.54 -19.40 -6.74
C LYS A 211 25.55 -20.51 -7.79
N ASP A 212 25.24 -21.74 -7.42
CA ASP A 212 25.29 -22.83 -8.38
C ASP A 212 24.25 -22.56 -9.45
N ASP A 213 23.04 -22.25 -9.00
CA ASP A 213 21.93 -22.12 -9.88
C ASP A 213 22.11 -20.88 -10.76
N VAL A 214 22.70 -19.83 -10.21
CA VAL A 214 23.05 -18.66 -11.05
C VAL A 214 24.00 -19.03 -12.17
N ARG A 215 24.95 -19.92 -11.89
CA ARG A 215 25.97 -20.30 -12.87
C ARG A 215 25.42 -21.22 -13.95
N LYS A 216 24.51 -22.11 -13.59
CA LYS A 216 23.75 -22.88 -14.57
C LYS A 216 23.04 -21.93 -15.53
N GLY A 217 22.33 -20.95 -14.97
CA GLY A 217 21.58 -20.01 -15.76
C GLY A 217 22.49 -19.16 -16.61
N LEU A 218 23.60 -18.73 -16.03
CA LEU A 218 24.56 -17.93 -16.75
C LEU A 218 25.16 -18.67 -17.97
N ALA A 219 25.39 -19.98 -17.81
CA ALA A 219 25.94 -20.80 -18.89
C ALA A 219 24.88 -20.91 -20.02
N ALA A 220 23.63 -21.17 -19.63
CA ALA A 220 22.53 -21.23 -20.59
C ALA A 220 22.42 -19.88 -21.33
N PHE A 221 22.51 -18.78 -20.60
CA PHE A 221 22.41 -17.45 -21.22
C PHE A 221 23.53 -17.17 -22.20
N ASN A 222 24.75 -17.57 -21.84
CA ASN A 222 25.90 -17.49 -22.76
C ASN A 222 25.75 -18.30 -24.05
N GLU A 223 25.29 -19.53 -23.95
CA GLU A 223 24.99 -20.35 -25.14
C GLU A 223 23.89 -19.74 -26.02
N GLN A 224 22.79 -19.32 -25.40
CA GLN A 224 21.62 -18.87 -26.15
C GLN A 224 21.81 -17.50 -26.81
N THR A 225 22.60 -16.63 -26.19
CA THR A 225 22.90 -15.35 -26.82
C THR A 225 23.90 -15.61 -27.93
N ASP A 226 24.81 -16.56 -27.70
CA ASP A 226 25.78 -16.90 -28.74
C ASP A 226 25.04 -17.41 -29.95
N TRP A 227 24.09 -18.30 -29.71
CA TRP A 227 23.35 -18.90 -30.79
C TRP A 227 22.61 -17.82 -31.57
N LEU A 228 21.93 -16.92 -30.86
CA LEU A 228 21.19 -15.87 -31.54
C LEU A 228 22.10 -15.02 -32.37
N ILE A 229 23.25 -14.65 -31.82
CA ILE A 229 24.04 -13.59 -32.41
C ILE A 229 24.63 -14.15 -33.70
N LYS A 230 25.00 -15.43 -33.65
CA LYS A 230 25.56 -16.10 -34.79
C LYS A 230 24.47 -16.29 -35.84
N HIS A 231 23.39 -16.92 -35.43
CA HIS A 231 22.41 -17.43 -36.37
C HIS A 231 21.42 -16.43 -36.88
N ALA A 232 21.18 -15.37 -36.12
CA ALA A 232 20.41 -14.25 -36.62
C ALA A 232 21.30 -13.15 -37.15
N LYS A 233 22.61 -13.40 -37.24
CA LYS A 233 23.55 -12.44 -37.82
C LYS A 233 23.43 -11.07 -37.16
N LEU A 234 23.41 -11.09 -35.85
CA LEU A 234 23.46 -9.85 -35.11
C LEU A 234 24.88 -9.39 -34.87
N ASP A 235 25.05 -8.10 -34.80
CA ASP A 235 26.23 -7.45 -34.30
C ASP A 235 26.44 -7.53 -32.77
N ARG A 236 27.39 -8.32 -32.31
CA ARG A 236 27.63 -8.43 -30.87
C ARG A 236 27.95 -7.07 -30.24
N SER A 237 28.50 -6.17 -31.04
CA SER A 237 29.03 -4.97 -30.51
C SER A 237 27.97 -3.88 -30.31
N LYS A 238 26.80 -4.07 -30.92
CA LYS A 238 25.69 -3.15 -30.73
C LYS A 238 24.70 -3.68 -29.68
N LEU A 239 25.02 -4.79 -29.03
CA LEU A 239 24.13 -5.37 -28.04
C LEU A 239 24.67 -5.23 -26.62
N THR A 240 23.80 -4.86 -25.68
CA THR A 240 24.15 -4.93 -24.28
C THR A 240 23.62 -6.24 -23.76
N LEU A 241 24.50 -7.11 -23.26
CA LEU A 241 24.07 -8.36 -22.65
C LEU A 241 24.02 -8.14 -21.16
N HIS A 242 22.87 -8.39 -20.54
CA HIS A 242 22.73 -8.19 -19.12
C HIS A 242 21.86 -9.19 -18.43
N ALA A 243 22.36 -9.73 -17.33
CA ALA A 243 21.64 -10.82 -16.61
C ALA A 243 21.55 -10.59 -15.10
N ALA A 244 22.50 -9.90 -14.51
CA ALA A 244 22.67 -9.93 -13.04
C ALA A 244 21.84 -8.94 -12.26
N ASN A 245 21.16 -9.43 -11.24
CA ASN A 245 20.57 -8.56 -10.21
C ASN A 245 21.57 -8.30 -9.08
N SER A 246 21.07 -7.86 -7.92
CA SER A 246 21.96 -7.60 -6.79
C SER A 246 22.72 -8.85 -6.38
N PHE A 247 22.02 -9.94 -6.12
CA PHE A 247 22.66 -11.14 -5.65
C PHE A 247 23.78 -11.57 -6.59
N ALA A 248 23.44 -11.78 -7.86
CA ALA A 248 24.43 -12.24 -8.83
C ALA A 248 25.59 -11.29 -8.94
N THR A 249 25.32 -10.00 -9.08
CA THR A 249 26.37 -9.00 -9.12
C THR A 249 27.38 -9.20 -7.98
N LEU A 250 26.86 -9.40 -6.77
CA LEU A 250 27.70 -9.52 -5.57
C LEU A 250 28.42 -10.86 -5.41
N GLU A 251 27.78 -11.95 -5.83
CA GLU A 251 28.24 -13.27 -5.48
C GLU A 251 28.84 -14.06 -6.64
N VAL A 252 28.64 -13.57 -7.86
CA VAL A 252 29.02 -14.30 -9.07
C VAL A 252 29.47 -13.31 -10.12
N PRO A 253 30.71 -12.81 -9.97
CA PRO A 253 31.25 -11.76 -10.79
C PRO A 253 31.17 -12.03 -12.28
N GLU A 254 31.24 -13.29 -12.67
CA GLU A 254 31.29 -13.59 -14.08
C GLU A 254 29.90 -13.38 -14.73
N ALA A 255 28.89 -13.26 -13.89
CA ALA A 255 27.56 -12.86 -14.35
C ALA A 255 27.45 -11.35 -14.59
N ARG A 256 28.50 -10.59 -14.41
CA ARG A 256 28.40 -9.14 -14.62
C ARG A 256 28.21 -8.67 -16.04
N LEU A 257 28.85 -9.34 -17.02
CA LEU A 257 28.57 -9.07 -18.42
C LEU A 257 28.64 -7.54 -18.70
N ASP A 258 27.83 -7.00 -19.62
CA ASP A 258 28.03 -5.59 -20.04
C ASP A 258 27.51 -4.64 -18.96
N MET A 259 26.48 -5.10 -18.24
CA MET A 259 25.67 -4.24 -17.41
C MET A 259 25.02 -5.09 -16.37
N VAL A 260 24.87 -4.51 -15.18
CA VAL A 260 24.15 -5.13 -14.08
C VAL A 260 22.91 -4.31 -13.70
N ARG A 261 21.89 -5.00 -13.21
CA ARG A 261 20.61 -4.35 -12.83
C ARG A 261 20.41 -4.53 -11.35
N THR A 262 20.82 -3.55 -10.57
CA THR A 262 20.78 -3.74 -9.13
C THR A 262 19.67 -2.90 -8.55
N GLY A 263 18.73 -3.54 -7.86
CA GLY A 263 17.75 -2.83 -7.07
C GLY A 263 18.12 -2.86 -5.61
N GLY A 264 17.92 -3.99 -4.96
CA GLY A 264 17.99 -4.11 -3.50
C GLY A 264 19.25 -3.54 -2.88
N ALA A 265 20.39 -3.78 -3.51
CA ALA A 265 21.67 -3.28 -2.99
C ALA A 265 21.80 -1.77 -3.01
N LEU A 266 21.12 -1.07 -3.91
CA LEU A 266 21.11 0.39 -3.83
C LEU A 266 20.50 0.82 -2.47
N PHE A 267 19.66 -0.04 -1.90
CA PHE A 267 18.85 0.34 -0.75
C PHE A 267 19.26 -0.35 0.53
N GLY A 268 20.32 -1.16 0.42
CA GLY A 268 20.78 -1.96 1.54
C GLY A 268 19.93 -3.15 1.84
N ASP A 269 19.11 -3.59 0.87
CA ASP A 269 18.34 -4.84 1.00
C ASP A 269 18.94 -5.90 0.10
N THR A 270 19.94 -6.59 0.61
CA THR A 270 20.70 -7.51 -0.21
C THR A 270 21.30 -8.57 0.67
N VAL A 271 22.20 -9.39 0.13
CA VAL A 271 22.88 -10.47 0.87
C VAL A 271 23.22 -10.02 2.31
N PRO A 272 22.63 -10.69 3.32
CA PRO A 272 22.81 -10.26 4.72
C PRO A 272 24.26 -10.03 5.13
N ALA A 273 25.15 -10.96 4.77
CA ALA A 273 26.61 -10.78 4.98
C ALA A 273 27.24 -9.50 4.37
N ARG A 274 26.67 -8.97 3.29
CA ARG A 274 27.25 -7.79 2.68
C ARG A 274 26.91 -6.53 3.44
N THR A 275 27.56 -6.35 4.58
CA THR A 275 27.22 -5.26 5.49
C THR A 275 27.82 -3.94 5.05
N GLU A 276 28.65 -3.94 4.02
CA GLU A 276 29.06 -2.66 3.43
C GLU A 276 27.89 -1.87 2.77
N TYR A 277 26.76 -2.54 2.51
CA TYR A 277 25.59 -1.81 2.01
C TYR A 277 24.68 -1.35 3.14
N GLN A 278 24.41 -0.04 3.16
CA GLN A 278 23.69 0.59 4.25
C GLN A 278 22.18 0.64 3.99
N ARG A 279 21.39 0.38 5.02
CA ARG A 279 19.91 0.43 4.93
C ARG A 279 19.40 1.85 4.65
N ALA A 280 18.69 2.04 3.57
CA ALA A 280 18.33 3.42 3.20
C ALA A 280 16.96 3.90 3.79
N MET A 281 16.26 3.01 4.47
CA MET A 281 14.91 3.24 4.87
C MET A 281 14.58 2.88 6.32
N GLN A 282 13.92 3.80 7.00
CA GLN A 282 13.26 3.45 8.27
C GLN A 282 11.77 3.78 8.21
N PHE A 283 10.99 3.01 8.94
CA PHE A 283 9.55 3.21 8.99
C PHE A 283 9.16 3.63 10.43
N LYS A 284 8.56 4.81 10.55
CA LYS A 284 8.30 5.47 11.83
C LYS A 284 6.87 5.98 12.01
N SER A 285 6.45 6.13 13.28
CA SER A 285 5.21 6.82 13.63
C SER A 285 5.34 7.58 14.98
N HIS A 286 4.21 7.89 15.63
CA HIS A 286 4.14 8.83 16.76
C HIS A 286 3.30 8.15 17.82
N VAL A 287 3.63 8.35 19.09
CA VAL A 287 2.70 8.01 20.19
C VAL A 287 1.72 9.16 20.28
N ALA A 288 0.42 8.89 20.16
CA ALA A 288 -0.52 10.00 20.30
C ALA A 288 -0.80 10.25 21.78
N ALA A 289 -0.91 9.15 22.55
CA ALA A 289 -1.19 9.21 23.97
C ALA A 289 -0.98 7.84 24.62
N VAL A 290 -0.73 7.87 25.93
CA VAL A 290 -0.66 6.66 26.77
C VAL A 290 -1.83 6.68 27.74
N HIS A 291 -2.45 5.53 27.95
CA HIS A 291 -3.70 5.44 28.69
C HIS A 291 -3.61 4.38 29.77
N SER A 292 -4.35 4.58 30.85
CA SER A 292 -4.43 3.53 31.88
C SER A 292 -5.62 2.57 31.69
N TYR A 293 -5.35 1.29 31.61
CA TYR A 293 -6.45 0.33 31.58
C TYR A 293 -6.29 -0.75 32.64
N PRO A 294 -7.39 -1.02 33.38
CA PRO A 294 -7.46 -2.04 34.44
C PRO A 294 -7.19 -3.41 33.91
N ALA A 295 -6.61 -4.24 34.76
CA ALA A 295 -6.54 -5.69 34.57
C ALA A 295 -7.88 -6.24 34.12
N GLY A 296 -7.85 -7.24 33.26
CA GLY A 296 -9.10 -7.92 32.87
C GLY A 296 -9.78 -7.29 31.66
N ASN A 297 -9.51 -6.00 31.44
CA ASN A 297 -9.77 -5.36 30.15
C ASN A 297 -9.16 -6.15 28.98
N THR A 298 -9.81 -6.07 27.83
CA THR A 298 -9.29 -6.63 26.59
C THR A 298 -8.90 -5.49 25.65
N VAL A 299 -8.14 -5.81 24.59
CA VAL A 299 -7.72 -4.79 23.62
C VAL A 299 -8.09 -5.13 22.19
N GLY A 300 -8.61 -4.11 21.48
CA GLY A 300 -8.91 -4.18 20.04
C GLY A 300 -10.12 -5.02 19.64
N TYR A 301 -10.37 -5.10 18.33
CA TYR A 301 -11.50 -5.86 17.82
C TYR A 301 -11.39 -7.30 18.28
N ASP A 302 -12.55 -7.92 18.47
CA ASP A 302 -12.70 -9.34 18.88
C ASP A 302 -11.93 -9.69 20.14
N ARG A 303 -11.50 -8.66 20.87
CA ARG A 303 -10.93 -8.79 22.21
C ARG A 303 -9.85 -9.89 22.23
N THR A 304 -8.78 -9.72 21.46
CA THR A 304 -7.87 -10.86 21.26
C THR A 304 -6.76 -10.86 22.27
N PHE A 305 -6.67 -9.80 23.05
CA PHE A 305 -5.68 -9.71 24.10
C PHE A 305 -6.28 -9.29 25.44
N THR A 306 -5.94 -10.01 26.48
CA THR A 306 -6.50 -9.72 27.81
C THR A 306 -5.40 -9.19 28.67
N LEU A 307 -5.65 -8.06 29.31
CA LEU A 307 -4.68 -7.45 30.19
C LEU A 307 -4.60 -8.26 31.49
N ALA A 308 -3.40 -8.72 31.83
CA ALA A 308 -3.20 -9.57 33.00
C ALA A 308 -2.81 -8.77 34.27
N ARG A 309 -2.91 -7.44 34.20
CA ARG A 309 -2.46 -6.54 35.25
C ARG A 309 -2.83 -5.12 34.82
N ASP A 310 -2.95 -4.21 35.78
CA ASP A 310 -3.25 -2.81 35.49
C ASP A 310 -2.20 -2.21 34.52
N SER A 311 -2.63 -1.89 33.29
CA SER A 311 -1.67 -1.51 32.27
C SER A 311 -1.64 -0.03 31.88
N ARG A 312 -0.52 0.34 31.28
CA ARG A 312 -0.42 1.57 30.52
C ARG A 312 -0.25 1.22 29.04
N LEU A 313 -1.21 1.62 28.20
CA LEU A 313 -1.18 1.23 26.79
C LEU A 313 -0.86 2.45 25.93
N ALA A 314 0.08 2.29 24.99
CA ALA A 314 0.39 3.42 24.08
C ALA A 314 -0.40 3.31 22.79
N ASN A 315 -0.93 4.47 22.38
CA ASN A 315 -1.79 4.58 21.20
C ASN A 315 -0.91 5.20 20.14
N ILE A 316 -0.65 4.41 19.10
CA ILE A 316 0.26 4.84 18.00
C ILE A 316 -0.50 5.10 16.71
N THR A 317 -0.23 6.24 16.08
CA THR A 317 -1.02 6.73 14.94
C THR A 317 -0.61 6.05 13.61
N VAL A 318 -0.65 4.73 13.61
CA VAL A 318 -0.38 3.94 12.42
C VAL A 318 -1.25 2.68 12.46
N GLY A 319 -1.70 2.24 11.29
CA GLY A 319 -2.54 1.04 11.20
C GLY A 319 -2.35 0.37 9.86
N TYR A 320 -3.14 -0.65 9.61
CA TYR A 320 -3.02 -1.39 8.38
C TYR A 320 -3.32 -0.59 7.09
N SER A 321 -4.16 0.44 7.14
CA SER A 321 -4.25 1.31 5.97
C SER A 321 -2.94 2.03 5.68
N ASP A 322 -2.04 2.08 6.66
CA ASP A 322 -0.71 2.67 6.43
C ASP A 322 0.32 1.59 6.05
N GLY A 323 -0.13 0.37 5.85
CA GLY A 323 0.76 -0.71 5.47
C GLY A 323 1.28 -1.48 6.68
N TYR A 324 0.90 -1.09 7.89
CA TYR A 324 1.29 -1.87 9.05
C TYR A 324 0.34 -3.05 9.20
N ARG A 325 0.64 -4.10 8.46
CA ARG A 325 -0.31 -5.13 8.08
C ARG A 325 -1.00 -5.80 9.30
N ARG A 326 -2.27 -6.24 9.14
CA ARG A 326 -3.01 -6.99 10.19
C ARG A 326 -2.26 -8.17 10.83
N VAL A 327 -1.48 -8.87 10.04
CA VAL A 327 -0.77 -10.03 10.48
C VAL A 327 0.17 -9.72 11.69
N PHE A 328 0.49 -8.45 11.88
CA PHE A 328 1.32 -8.05 13.02
C PHE A 328 0.55 -8.05 14.36
N THR A 329 -0.74 -8.34 14.28
CA THR A 329 -1.60 -8.58 15.43
C THR A 329 -0.94 -9.50 16.45
N ASN A 330 -0.75 -8.95 17.66
CA ASN A 330 -0.20 -9.67 18.81
C ASN A 330 1.15 -10.29 18.52
N LYS A 331 1.88 -9.70 17.57
CA LYS A 331 3.15 -10.29 17.11
C LYS A 331 4.24 -9.25 16.93
N GLY A 332 3.87 -8.06 16.44
CA GLY A 332 4.85 -7.03 16.15
C GLY A 332 5.54 -6.52 17.40
N HIS A 333 6.76 -6.02 17.22
CA HIS A 333 7.37 -5.19 18.22
C HIS A 333 7.75 -3.87 17.61
N VAL A 334 7.72 -2.80 18.39
CA VAL A 334 8.17 -1.46 17.93
C VAL A 334 9.22 -0.93 18.91
N LEU A 335 9.84 0.19 18.59
CA LEU A 335 10.81 0.78 19.46
C LEU A 335 10.32 2.16 19.83
N ILE A 336 10.26 2.42 21.13
CA ILE A 336 10.09 3.78 21.60
C ILE A 336 11.16 4.07 22.67
N ASN A 337 11.83 5.23 22.53
CA ASN A 337 12.94 5.56 23.43
C ASN A 337 13.91 4.35 23.61
N GLY A 338 14.17 3.60 22.54
CA GLY A 338 15.11 2.49 22.57
C GLY A 338 14.53 1.18 23.11
N HIS A 339 13.31 1.23 23.63
CA HIS A 339 12.72 0.08 24.23
C HIS A 339 11.95 -0.76 23.21
N ARG A 340 12.10 -2.08 23.31
CA ARG A 340 11.38 -3.02 22.49
C ARG A 340 10.05 -3.36 23.15
N ILE A 341 8.99 -2.81 22.56
CA ILE A 341 7.64 -2.76 23.12
C ILE A 341 6.73 -3.58 22.20
N PRO A 342 5.89 -4.46 22.76
CA PRO A 342 5.10 -5.37 21.89
C PRO A 342 3.69 -4.82 21.48
N VAL A 343 3.23 -5.20 20.28
CA VAL A 343 1.89 -4.89 19.84
C VAL A 343 0.87 -5.77 20.58
N VAL A 344 -0.25 -5.17 21.03
CA VAL A 344 -1.30 -5.92 21.68
C VAL A 344 -2.66 -5.69 21.00
N GLY A 345 -3.39 -6.77 20.77
CA GLY A 345 -4.71 -6.72 20.14
C GLY A 345 -4.60 -6.64 18.62
N LYS A 346 -5.75 -6.63 17.94
CA LYS A 346 -5.79 -6.45 16.49
C LYS A 346 -5.27 -5.07 16.01
N VAL A 347 -4.50 -5.08 14.95
CA VAL A 347 -4.04 -3.80 14.42
C VAL A 347 -5.26 -3.12 13.79
N SER A 348 -5.54 -1.87 14.13
CA SER A 348 -6.71 -1.26 13.51
C SER A 348 -6.35 -0.69 12.14
N MET A 349 -7.35 -0.14 11.47
CA MET A 349 -7.17 0.51 10.19
C MET A 349 -6.13 1.61 10.29
N ASN A 350 -6.20 2.42 11.36
CA ASN A 350 -5.38 3.63 11.51
C ASN A 350 -4.64 3.75 12.84
N THR A 351 -4.76 2.74 13.70
CA THR A 351 -4.29 2.86 15.07
C THR A 351 -3.75 1.54 15.55
N LEU A 352 -2.68 1.64 16.34
CA LEU A 352 -2.00 0.46 16.84
C LEU A 352 -1.77 0.70 18.34
N MET A 353 -2.12 -0.32 19.12
CA MET A 353 -1.93 -0.30 20.56
C MET A 353 -0.69 -1.10 20.93
N VAL A 354 0.12 -0.53 21.82
CA VAL A 354 1.30 -1.24 22.31
C VAL A 354 1.40 -1.15 23.82
N ASP A 355 2.02 -2.15 24.43
CA ASP A 355 2.03 -2.29 25.89
C ASP A 355 3.25 -1.60 26.50
N VAL A 356 3.04 -0.47 27.18
CA VAL A 356 4.15 0.26 27.80
C VAL A 356 4.06 0.25 29.35
N THR A 357 3.41 -0.79 29.89
CA THR A 357 3.33 -0.97 31.34
C THR A 357 4.73 -0.97 31.96
N ASP A 358 5.64 -1.73 31.36
CA ASP A 358 7.03 -1.74 31.83
C ASP A 358 7.89 -0.56 31.41
N PHE A 359 7.35 0.46 30.73
CA PHE A 359 8.21 1.56 30.29
C PHE A 359 7.68 2.96 30.62
N PRO A 360 7.65 3.28 31.91
CA PRO A 360 7.05 4.53 32.37
C PRO A 360 7.61 5.78 31.65
N ASP A 361 8.75 5.65 30.96
CA ASP A 361 9.28 6.84 30.26
C ASP A 361 8.64 7.12 28.88
N VAL A 362 7.80 6.19 28.40
CA VAL A 362 7.06 6.45 27.17
C VAL A 362 5.94 7.46 27.38
N LYS A 363 6.03 8.57 26.61
CA LYS A 363 5.13 9.72 26.67
C LYS A 363 4.44 10.00 25.33
N GLY A 364 3.26 10.61 25.37
CA GLY A 364 2.70 11.25 24.18
C GLY A 364 3.75 12.07 23.45
N GLY A 365 3.85 11.90 22.12
CA GLY A 365 4.77 12.72 21.28
C GLY A 365 6.05 11.97 20.93
N ASN A 366 6.38 10.93 21.69
CA ASN A 366 7.54 10.11 21.39
C ASN A 366 7.52 9.50 19.97
N GLU A 367 8.70 9.51 19.33
CA GLU A 367 8.95 8.85 18.07
C GLU A 367 8.92 7.32 18.18
N VAL A 368 8.24 6.67 17.24
CA VAL A 368 8.17 5.19 17.25
C VAL A 368 8.88 4.67 16.02
N VAL A 369 9.56 3.54 16.19
CA VAL A 369 10.21 2.93 15.07
C VAL A 369 9.54 1.59 14.83
N LEU A 370 8.92 1.47 13.65
CA LEU A 370 8.20 0.27 13.23
C LEU A 370 9.14 -0.69 12.53
N PHE A 371 10.10 -0.10 11.84
CA PHE A 371 11.17 -0.83 11.20
C PHE A 371 12.42 0.04 11.19
N GLY A 372 13.51 -0.52 11.71
CA GLY A 372 14.79 0.16 11.78
C GLY A 372 15.44 0.09 13.16
N LYS A 373 16.14 1.16 13.49
CA LYS A 373 16.98 1.22 14.67
C LYS A 373 16.61 2.42 15.50
N GLN A 374 16.76 2.24 16.79
CA GLN A 374 16.57 3.31 17.70
C GLN A 374 17.40 3.07 18.94
N ALA A 375 18.35 3.99 19.19
CA ALA A 375 19.15 4.00 20.44
C ALA A 375 19.46 2.61 20.94
N GLY A 376 20.18 1.84 20.14
CA GLY A 376 20.60 0.53 20.64
C GLY A 376 19.62 -0.59 20.34
N GLY A 377 18.34 -0.27 20.12
CA GLY A 377 17.35 -1.27 19.68
C GLY A 377 17.28 -1.40 18.16
N GLU A 378 16.91 -2.59 17.67
CA GLU A 378 16.62 -2.79 16.26
C GLU A 378 15.43 -3.70 16.02
N ILE A 379 14.52 -3.26 15.15
CA ILE A 379 13.53 -4.16 14.53
C ILE A 379 14.11 -4.59 13.21
N THR A 380 14.32 -5.90 13.09
CA THR A 380 15.16 -6.46 12.03
C THR A 380 14.34 -6.84 10.83
N GLN A 381 14.99 -6.95 9.69
CA GLN A 381 14.39 -7.50 8.52
C GLN A 381 13.89 -8.92 8.83
N ALA A 382 14.72 -9.73 9.45
CA ALA A 382 14.35 -11.14 9.65
C ALA A 382 13.15 -11.34 10.60
N GLU A 383 13.04 -10.51 11.64
CA GLU A 383 11.91 -10.69 12.56
C GLU A 383 10.58 -10.38 11.84
N MET A 384 10.60 -9.32 11.02
CA MET A 384 9.44 -8.94 10.24
C MET A 384 9.08 -9.94 9.16
N GLU A 385 10.07 -10.42 8.41
CA GLU A 385 9.81 -11.46 7.41
C GLU A 385 9.20 -12.73 8.05
N GLU A 386 9.56 -13.01 9.29
CA GLU A 386 9.09 -14.21 9.94
C GLU A 386 7.58 -14.05 10.22
N ILE A 387 7.21 -12.89 10.75
CA ILE A 387 5.81 -12.59 10.99
C ILE A 387 5.02 -12.48 9.69
N ASN A 388 5.54 -11.70 8.74
CA ASN A 388 4.84 -11.50 7.47
C ASN A 388 4.68 -12.74 6.62
N GLY A 389 5.59 -13.72 6.75
CA GLY A 389 5.62 -14.91 5.91
C GLY A 389 6.22 -14.66 4.53
N ALA A 390 6.94 -13.56 4.38
CA ALA A 390 7.51 -13.31 3.07
C ALA A 390 8.42 -12.13 3.15
N LEU A 391 9.13 -11.91 2.06
CA LEU A 391 10.23 -11.03 2.04
C LEU A 391 9.74 -9.63 2.36
N LEU A 392 10.65 -8.78 2.77
CA LEU A 392 10.30 -7.53 3.36
C LEU A 392 9.80 -6.53 2.28
N ALA A 393 10.38 -6.63 1.09
CA ALA A 393 9.92 -5.80 -0.01
C ALA A 393 8.39 -5.90 -0.18
N ASP A 394 7.81 -7.06 0.15
CA ASP A 394 6.36 -7.25 0.13
C ASP A 394 5.64 -6.28 1.06
N LEU A 395 6.36 -5.72 2.05
CA LEU A 395 5.78 -4.74 2.96
C LEU A 395 6.27 -3.32 2.64
N TYR A 396 7.55 -3.17 2.31
CA TYR A 396 8.05 -1.85 2.30
C TYR A 396 7.70 -1.11 1.02
N THR A 397 7.52 -1.85 -0.09
CA THR A 397 7.07 -1.22 -1.34
C THR A 397 5.70 -0.58 -1.15
N VAL A 398 4.94 -1.17 -0.25
CA VAL A 398 3.61 -0.68 0.11
C VAL A 398 3.58 0.31 1.30
N TRP A 399 4.56 0.24 2.20
CA TRP A 399 4.84 1.39 3.13
C TRP A 399 5.09 2.67 2.36
N GLY A 400 5.86 2.56 1.29
CA GLY A 400 6.36 3.74 0.57
C GLY A 400 5.18 4.42 -0.08
N SER A 401 4.26 3.66 -0.62
CA SER A 401 3.03 4.24 -1.21
C SER A 401 2.03 4.81 -0.24
N SER A 402 1.95 4.23 0.96
CA SER A 402 0.84 4.47 1.85
C SER A 402 1.21 5.54 2.88
N ASN A 403 2.41 6.13 2.79
CA ASN A 403 2.90 7.12 3.75
C ASN A 403 3.79 8.10 3.06
N PRO A 404 3.93 9.32 3.60
CA PRO A 404 4.83 10.25 2.94
C PRO A 404 6.28 9.84 3.13
N LYS A 405 7.11 10.12 2.14
CA LYS A 405 8.52 9.82 2.22
C LYS A 405 9.23 11.12 2.57
N ILE A 406 10.27 11.02 3.38
CA ILE A 406 11.03 12.20 3.80
C ILE A 406 12.53 11.89 3.66
N LEU A 407 13.22 12.70 2.87
CA LEU A 407 14.67 12.56 2.65
C LEU A 407 15.40 13.10 3.86
N VAL A 408 16.23 12.26 4.47
CA VAL A 408 17.10 12.77 5.52
C VAL A 408 18.56 12.53 5.15
N ASP A 409 19.48 13.03 6.01
CA ASP A 409 20.93 12.88 5.84
C ASP A 409 21.38 13.65 4.62
N PRO B 26 0.27 3.54 -9.03
CA PRO B 26 0.33 4.73 -8.07
C PRO B 26 0.76 6.05 -8.77
N PRO B 27 -0.14 7.02 -8.86
CA PRO B 27 0.24 8.29 -9.54
C PRO B 27 1.35 9.01 -8.78
N LEU B 28 2.35 9.54 -9.44
CA LEU B 28 3.38 10.32 -8.70
C LEU B 28 3.15 11.82 -8.83
N SER B 29 2.08 12.19 -9.48
CA SER B 29 1.54 13.52 -9.32
C SER B 29 0.08 13.36 -9.00
N MET B 30 -0.41 14.13 -8.05
CA MET B 30 -1.81 14.19 -7.84
C MET B 30 -2.21 15.48 -7.19
N ASP B 31 -3.44 15.92 -7.47
CA ASP B 31 -3.96 17.15 -6.93
C ASP B 31 -5.24 16.89 -6.12
N ASN B 32 -5.13 16.93 -4.80
CA ASN B 32 -6.31 16.72 -3.93
C ASN B 32 -7.06 15.44 -4.26
N GLY B 33 -6.32 14.35 -4.38
CA GLY B 33 -6.88 13.00 -4.44
C GLY B 33 -7.31 12.66 -5.85
N THR B 34 -6.88 13.51 -6.79
CA THR B 34 -7.27 13.50 -8.19
C THR B 34 -6.01 13.28 -9.06
N ASN B 35 -6.11 12.45 -10.10
CA ASN B 35 -4.92 12.14 -10.93
C ASN B 35 -5.19 12.40 -12.40
N ALA B 36 -4.17 12.36 -13.22
CA ALA B 36 -4.36 12.55 -14.67
C ALA B 36 -4.20 11.23 -15.46
N LEU B 37 -4.39 10.10 -14.80
CA LEU B 37 -4.19 8.79 -15.42
C LEU B 37 -5.50 8.20 -15.98
N THR B 38 -5.39 7.19 -16.85
CA THR B 38 -6.56 6.53 -17.45
C THR B 38 -6.40 5.02 -17.35
N VAL B 39 -7.46 4.27 -17.57
CA VAL B 39 -7.29 2.85 -17.69
C VAL B 39 -6.20 2.47 -18.70
N GLN B 40 -6.07 3.22 -19.79
CA GLN B 40 -5.18 2.83 -20.88
C GLN B 40 -3.70 3.03 -20.49
N ASN B 41 -3.41 3.93 -19.55
CA ASN B 41 -2.02 4.04 -19.12
C ASN B 41 -1.71 3.62 -17.67
N SER B 42 -2.62 2.88 -17.06
CA SER B 42 -2.39 2.34 -15.73
C SER B 42 -2.10 0.84 -15.76
N ASN B 43 -1.07 0.39 -15.08
CA ASN B 43 -0.74 -1.02 -15.12
C ASN B 43 -1.82 -1.81 -14.38
N ALA B 44 -2.44 -1.15 -13.39
CA ALA B 44 -3.50 -1.73 -12.59
C ALA B 44 -4.26 -0.56 -12.02
N TRP B 45 -5.53 -0.76 -11.68
CA TRP B 45 -6.32 0.35 -11.16
C TRP B 45 -7.48 -0.06 -10.32
N VAL B 46 -7.93 0.88 -9.52
CA VAL B 46 -9.11 0.69 -8.71
C VAL B 46 -10.28 1.47 -9.31
N GLU B 47 -11.31 0.72 -9.69
CA GLU B 47 -12.55 1.27 -10.21
C GLU B 47 -13.55 1.48 -9.11
N VAL B 48 -13.95 2.73 -8.98
CA VAL B 48 -14.88 3.18 -7.95
C VAL B 48 -16.20 3.57 -8.61
N SER B 49 -17.25 2.88 -8.21
CA SER B 49 -18.56 3.08 -8.81
C SER B 49 -19.36 4.18 -8.11
N ALA B 50 -19.50 5.33 -8.78
CA ALA B 50 -20.25 6.51 -8.29
C ALA B 50 -21.69 6.19 -7.92
N SER B 51 -22.35 5.43 -8.78
CA SER B 51 -23.75 5.15 -8.58
C SER B 51 -23.96 4.16 -7.41
N ALA B 52 -23.00 3.27 -7.16
CA ALA B 52 -23.01 2.40 -5.95
C ALA B 52 -22.88 3.22 -4.64
N LEU B 53 -22.00 4.19 -4.71
CA LEU B 53 -21.77 5.09 -3.59
C LEU B 53 -23.03 5.87 -3.30
N GLN B 54 -23.68 6.39 -4.35
CA GLN B 54 -24.91 7.19 -4.18
C GLN B 54 -26.12 6.37 -3.77
N HIS B 55 -26.25 5.19 -4.34
CA HIS B 55 -27.21 4.26 -3.88
C HIS B 55 -27.03 3.98 -2.40
N ASN B 56 -25.79 3.68 -1.98
CA ASN B 56 -25.55 3.27 -0.59
C ASN B 56 -25.87 4.39 0.41
N ILE B 57 -25.52 5.62 0.04
CA ILE B 57 -25.86 6.78 0.83
C ILE B 57 -27.37 6.96 0.97
N ARG B 58 -28.08 6.98 -0.17
CA ARG B 58 -29.54 7.12 -0.19
C ARG B 58 -30.17 5.97 0.62
N THR B 59 -29.72 4.73 0.44
CA THR B 59 -30.24 3.65 1.25
C THR B 59 -30.00 3.85 2.75
N LEU B 60 -28.79 4.26 3.12
CA LEU B 60 -28.51 4.49 4.53
C LEU B 60 -29.46 5.53 5.06
N GLN B 61 -29.50 6.69 4.40
CA GLN B 61 -30.41 7.75 4.76
C GLN B 61 -31.88 7.30 4.91
N ALA B 62 -32.38 6.50 3.97
CA ALA B 62 -33.76 6.10 4.05
C ALA B 62 -33.94 5.23 5.28
N GLU B 63 -32.95 4.40 5.54
CA GLU B 63 -33.00 3.47 6.67
C GLU B 63 -32.94 4.27 7.98
N LEU B 64 -32.20 5.35 8.00
CA LEU B 64 -32.20 6.15 9.22
C LEU B 64 -33.45 7.02 9.36
N ALA B 65 -34.21 7.17 8.26
CA ALA B 65 -35.57 7.72 8.32
C ALA B 65 -35.61 9.05 9.09
N GLY B 66 -34.47 9.74 9.08
CA GLY B 66 -34.40 11.10 9.63
C GLY B 66 -34.32 11.12 11.13
N LYS B 67 -34.23 9.94 11.74
CA LYS B 67 -34.31 9.81 13.22
C LYS B 67 -32.94 9.92 13.87
N SER B 68 -31.91 9.94 13.04
CA SER B 68 -30.59 9.90 13.55
C SER B 68 -29.66 10.39 12.48
N ARG B 69 -28.67 11.16 12.90
CA ARG B 69 -27.76 11.84 11.99
C ARG B 69 -26.70 10.88 11.35
N LEU B 70 -26.29 11.21 10.14
CA LEU B 70 -25.42 10.34 9.40
C LEU B 70 -24.07 11.01 9.27
N CYS B 71 -23.04 10.33 9.74
CA CYS B 71 -21.66 10.78 9.59
C CYS B 71 -20.90 9.75 8.75
N ALA B 72 -20.45 10.19 7.58
CA ALA B 72 -19.76 9.27 6.68
C ALA B 72 -18.32 9.14 7.16
N VAL B 73 -17.93 7.92 7.50
CA VAL B 73 -16.54 7.65 7.86
C VAL B 73 -15.66 7.46 6.61
N LEU B 74 -14.73 8.37 6.40
CA LEU B 74 -14.00 8.42 5.15
C LEU B 74 -12.50 8.31 5.42
N1 LLP B 75 -16.11 4.73 14.00
C2 LLP B 75 -14.79 4.60 14.33
C2' LLP B 75 -14.26 5.20 15.63
C3 LLP B 75 -13.94 3.88 13.47
O3 LLP B 75 -12.74 3.79 13.75
C4 LLP B 75 -14.45 3.30 12.27
C4' LLP B 75 -13.51 2.58 11.30
C5 LLP B 75 -15.82 3.41 11.97
C6 LLP B 75 -16.63 4.10 12.87
C5' LLP B 75 -16.46 2.77 10.74
OP4 LLP B 75 -16.75 1.32 10.79
P LLP B 75 -17.55 0.43 9.68
OP1 LLP B 75 -17.62 -0.94 10.28
OP2 LLP B 75 -18.82 1.21 9.55
OP3 LLP B 75 -16.77 0.51 8.43
N LLP B 75 -12.18 7.75 6.59
CA LLP B 75 -10.85 7.23 6.96
CB LLP B 75 -11.03 6.00 7.93
CG LLP B 75 -11.08 6.30 9.36
CD LLP B 75 -10.97 5.02 10.24
CE LLP B 75 -12.01 3.96 9.97
NZ LLP B 75 -12.30 3.22 11.25
C LLP B 75 -10.15 6.62 5.75
O LLP B 75 -10.79 5.95 4.95
N ALA B 76 -8.81 6.65 5.79
CA ALA B 76 -8.02 5.70 4.98
C ALA B 76 -8.30 5.97 3.51
N ASP B 77 -8.34 7.27 3.20
CA ASP B 77 -8.69 7.79 1.90
C ASP B 77 -10.00 7.26 1.39
N ALA B 78 -11.04 7.36 2.23
CA ALA B 78 -12.36 6.78 1.94
C ALA B 78 -12.25 5.28 1.73
N TYR B 79 -11.56 4.59 2.64
CA TYR B 79 -11.42 3.14 2.57
C TYR B 79 -10.78 2.68 1.28
N GLY B 80 -9.85 3.47 0.74
CA GLY B 80 -9.31 3.09 -0.55
C GLY B 80 -10.07 3.56 -1.80
N HIS B 81 -11.21 4.24 -1.62
CA HIS B 81 -12.02 4.67 -2.77
C HIS B 81 -11.67 6.08 -3.28
N GLY B 82 -10.97 6.86 -2.45
CA GLY B 82 -10.62 8.21 -2.88
C GLY B 82 -11.58 9.25 -2.32
N ILE B 83 -11.12 9.92 -1.28
CA ILE B 83 -11.88 10.93 -0.62
C ILE B 83 -12.21 12.07 -1.62
N GLY B 84 -11.28 12.40 -2.49
CA GLY B 84 -11.53 13.41 -3.51
C GLY B 84 -12.59 12.97 -4.52
N LEU B 85 -12.81 11.67 -4.62
CA LEU B 85 -13.75 11.09 -5.57
C LEU B 85 -15.16 10.91 -4.98
N VAL B 86 -15.21 10.76 -3.67
CA VAL B 86 -16.40 10.47 -2.93
C VAL B 86 -17.10 11.76 -2.46
N MET B 87 -16.31 12.79 -2.16
CA MET B 87 -16.84 14.03 -1.56
C MET B 87 -18.06 14.63 -2.27
N PRO B 88 -18.04 14.68 -3.63
CA PRO B 88 -19.16 15.36 -4.29
C PRO B 88 -20.52 14.67 -4.02
N SER B 89 -20.52 13.36 -3.94
CA SER B 89 -21.72 12.62 -3.50
C SER B 89 -22.13 12.98 -2.07
N ILE B 90 -21.15 13.10 -1.18
CA ILE B 90 -21.42 13.47 0.17
C ILE B 90 -22.14 14.81 0.24
N ILE B 91 -21.58 15.80 -0.44
CA ILE B 91 -22.13 17.13 -0.45
C ILE B 91 -23.51 17.14 -1.09
N ALA B 92 -23.69 16.40 -2.20
CA ALA B 92 -24.96 16.42 -2.93
C ALA B 92 -26.12 15.77 -2.17
N GLN B 93 -25.85 14.65 -1.50
CA GLN B 93 -26.88 13.99 -0.71
C GLN B 93 -27.06 14.64 0.65
N GLY B 94 -26.44 15.81 0.86
CA GLY B 94 -26.56 16.49 2.16
C GLY B 94 -26.21 15.62 3.36
N VAL B 95 -25.11 14.88 3.29
CA VAL B 95 -24.56 14.30 4.51
C VAL B 95 -23.94 15.41 5.40
N PRO B 96 -24.35 15.46 6.67
CA PRO B 96 -24.00 16.64 7.43
C PRO B 96 -22.67 16.48 8.19
N CYS B 97 -22.19 15.24 8.27
CA CYS B 97 -20.98 14.93 9.06
C CYS B 97 -20.08 13.98 8.28
N VAL B 98 -18.77 14.25 8.39
CA VAL B 98 -17.72 13.40 7.82
C VAL B 98 -16.62 13.09 8.88
N ALA B 99 -16.25 11.82 9.00
CA ALA B 99 -15.18 11.42 9.91
C ALA B 99 -13.90 11.01 9.09
N VAL B 100 -12.73 11.48 9.55
CA VAL B 100 -11.46 11.18 8.88
C VAL B 100 -10.41 10.86 9.93
N ALA B 101 -9.24 10.43 9.48
CA ALA B 101 -8.16 10.05 10.38
C ALA B 101 -6.97 11.00 10.24
N SER B 102 -6.60 11.34 9.02
CA SER B 102 -5.36 12.10 8.80
C SER B 102 -5.58 13.56 8.36
N ASN B 103 -4.53 14.36 8.42
CA ASN B 103 -4.65 15.79 8.07
C ASN B 103 -4.90 16.04 6.60
N GLU B 104 -4.26 15.25 5.75
CA GLU B 104 -4.48 15.30 4.30
C GLU B 104 -5.94 14.99 3.92
N GLU B 105 -6.55 14.00 4.58
CA GLU B 105 -7.97 13.77 4.36
C GLU B 105 -8.81 14.98 4.67
N ALA B 106 -8.51 15.58 5.82
CA ALA B 106 -9.24 16.72 6.29
C ALA B 106 -9.01 17.85 5.30
N ARG B 107 -7.77 18.00 4.86
CA ARG B 107 -7.46 19.10 3.97
C ARG B 107 -8.31 18.90 2.70
N VAL B 108 -8.45 17.62 2.30
CA VAL B 108 -9.14 17.38 1.05
C VAL B 108 -10.63 17.59 1.16
N VAL B 109 -11.21 17.03 2.22
CA VAL B 109 -12.61 17.31 2.57
C VAL B 109 -12.92 18.83 2.56
N ARG B 110 -12.08 19.64 3.15
CA ARG B 110 -12.33 21.08 3.07
C ARG B 110 -12.17 21.62 1.68
N ALA B 111 -11.12 21.19 0.96
CA ALA B 111 -10.89 21.74 -0.41
C ALA B 111 -12.05 21.42 -1.33
N SER B 112 -12.80 20.36 -1.03
CA SER B 112 -13.88 19.95 -1.90
C SER B 112 -15.17 20.80 -1.70
N GLY B 113 -15.09 21.86 -0.88
CA GLY B 113 -16.28 22.64 -0.51
C GLY B 113 -17.12 22.10 0.65
N PHE B 114 -16.69 21.05 1.33
CA PHE B 114 -17.44 20.59 2.49
C PHE B 114 -17.24 21.50 3.69
N THR B 115 -18.37 21.91 4.24
CA THR B 115 -18.42 23.00 5.18
C THR B 115 -19.00 22.49 6.50
N GLY B 116 -19.42 21.24 6.52
CA GLY B 116 -20.06 20.71 7.70
C GLY B 116 -19.12 20.12 8.74
N GLN B 117 -19.69 19.26 9.56
CA GLN B 117 -19.02 18.81 10.71
C GLN B 117 -17.94 17.78 10.26
N LEU B 118 -16.71 18.02 10.70
CA LEU B 118 -15.55 17.21 10.34
C LEU B 118 -14.94 16.69 11.63
N VAL B 119 -15.00 15.40 11.89
CA VAL B 119 -14.49 14.84 13.13
C VAL B 119 -13.42 13.80 12.87
N ARG B 120 -12.32 13.85 13.64
CA ARG B 120 -11.29 12.81 13.58
C ARG B 120 -11.72 11.62 14.42
N VAL B 121 -11.66 10.40 13.88
CA VAL B 121 -12.06 9.24 14.67
C VAL B 121 -10.94 8.42 15.28
N ARG B 122 -9.77 9.01 15.44
CA ARG B 122 -8.73 8.35 16.24
C ARG B 122 -8.01 9.48 16.95
N LEU B 123 -7.21 9.14 17.96
CA LEU B 123 -6.36 10.15 18.59
C LEU B 123 -5.32 10.62 17.61
N ALA B 124 -5.06 11.92 17.62
CA ALA B 124 -3.99 12.51 16.82
C ALA B 124 -2.78 12.73 17.72
N SER B 125 -1.58 12.77 17.19
CA SER B 125 -0.49 13.28 18.01
C SER B 125 -0.61 14.78 18.08
N LEU B 126 -0.03 15.36 19.11
CA LEU B 126 -0.16 16.76 19.38
C LEU B 126 0.21 17.64 18.20
N SER B 127 1.30 17.33 17.52
CA SER B 127 1.70 18.22 16.41
C SER B 127 0.82 18.01 15.20
N GLU B 128 0.27 16.80 15.09
CA GLU B 128 -0.73 16.49 14.08
C GLU B 128 -2.03 17.33 14.33
N LEU B 129 -2.56 17.18 15.55
CA LEU B 129 -3.65 18.00 16.04
C LEU B 129 -3.42 19.50 15.79
N GLU B 130 -2.25 20.01 16.14
CA GLU B 130 -1.99 21.43 15.94
C GLU B 130 -2.07 21.87 14.46
N ASP B 131 -1.45 21.09 13.57
CA ASP B 131 -1.47 21.41 12.15
C ASP B 131 -2.92 21.37 11.59
N ALA B 132 -3.83 20.71 12.30
CA ALA B 132 -5.21 20.53 11.80
C ALA B 132 -6.15 21.63 12.22
N LEU B 133 -5.74 22.49 13.13
CA LEU B 133 -6.62 23.56 13.63
C LEU B 133 -7.18 24.30 12.45
N GLN B 134 -6.34 24.57 11.46
CA GLN B 134 -6.77 25.27 10.23
C GLN B 134 -8.00 24.64 9.49
N TYR B 135 -8.36 23.37 9.75
CA TYR B 135 -9.50 22.70 9.07
C TYR B 135 -10.77 22.65 9.91
N ASP B 136 -10.76 23.42 11.01
CA ASP B 136 -11.82 23.39 12.03
C ASP B 136 -12.41 22.02 12.21
N MET B 137 -11.56 21.10 12.61
CA MET B 137 -11.96 19.74 12.83
C MET B 137 -12.24 19.50 14.32
N GLU B 138 -13.26 18.72 14.60
CA GLU B 138 -13.52 18.30 15.95
C GLU B 138 -12.60 17.14 16.34
N GLU B 139 -11.87 17.28 17.43
CA GLU B 139 -10.88 16.28 17.79
C GLU B 139 -11.33 15.33 18.85
N LEU B 140 -10.87 14.08 18.75
CA LEU B 140 -11.17 13.04 19.74
C LEU B 140 -10.24 13.20 20.96
N VAL B 141 -10.75 12.91 22.15
CA VAL B 141 -9.97 13.03 23.40
C VAL B 141 -10.33 11.86 24.30
N GLY B 142 -9.34 11.19 24.85
CA GLY B 142 -9.59 10.06 25.74
C GLY B 142 -8.69 9.99 26.98
N SER B 143 -8.26 11.14 27.50
CA SER B 143 -7.26 11.23 28.59
C SER B 143 -7.31 12.60 29.16
N ALA B 144 -7.12 12.67 30.47
CA ALA B 144 -6.94 13.97 31.07
C ALA B 144 -5.61 14.61 30.64
N GLU B 145 -4.54 13.81 30.64
CA GLU B 145 -3.24 14.37 30.27
C GLU B 145 -3.26 14.95 28.83
N PHE B 146 -3.78 14.17 27.90
CA PHE B 146 -3.94 14.59 26.51
C PHE B 146 -4.82 15.83 26.46
N ALA B 147 -5.96 15.78 27.15
CA ALA B 147 -6.82 16.96 27.23
C ALA B 147 -6.06 18.23 27.67
N ARG B 148 -5.25 18.13 28.72
CA ARG B 148 -4.54 19.32 29.19
C ARG B 148 -3.59 19.78 28.11
N GLN B 149 -2.92 18.80 27.49
CA GLN B 149 -1.94 19.13 26.45
C GLN B 149 -2.68 19.80 25.29
N VAL B 150 -3.85 19.22 24.94
CA VAL B 150 -4.64 19.78 23.86
C VAL B 150 -5.21 21.14 24.23
N ASP B 151 -5.54 21.31 25.52
CA ASP B 151 -6.04 22.59 25.99
C ASP B 151 -5.03 23.69 25.75
N ALA B 152 -3.75 23.38 25.99
CA ALA B 152 -2.70 24.40 25.91
C ALA B 152 -2.42 24.87 24.49
N ILE B 153 -2.49 23.95 23.53
CA ILE B 153 -2.39 24.35 22.13
C ILE B 153 -3.54 25.25 21.73
N ALA B 154 -4.76 24.86 22.10
CA ALA B 154 -5.90 25.69 21.76
C ALA B 154 -5.64 27.09 22.29
N ALA B 155 -5.23 27.14 23.56
CA ALA B 155 -4.92 28.42 24.18
C ALA B 155 -3.92 29.16 23.33
N ARG B 156 -2.82 28.49 22.96
CA ARG B 156 -1.72 29.22 22.38
C ARG B 156 -2.18 29.84 21.06
N HIS B 157 -3.17 29.22 20.43
CA HIS B 157 -3.63 29.67 19.11
C HIS B 157 -4.85 30.58 19.16
N GLY B 158 -5.43 30.74 20.34
CA GLY B 158 -6.55 31.64 20.53
C GLY B 158 -7.82 31.03 19.98
N LYS B 159 -7.89 29.70 20.01
CA LYS B 159 -9.04 28.97 19.52
C LYS B 159 -9.71 28.20 20.64
N THR B 160 -11.01 27.95 20.46
CA THR B 160 -11.72 26.99 21.25
C THR B 160 -11.87 25.76 20.39
N LEU B 161 -11.39 24.62 20.87
CA LEU B 161 -11.46 23.42 20.07
C LEU B 161 -12.65 22.61 20.53
N ARG B 162 -13.58 22.35 19.61
CA ARG B 162 -14.66 21.38 19.83
C ARG B 162 -14.04 19.98 19.95
N ILE B 163 -14.41 19.23 20.98
CA ILE B 163 -13.87 17.89 21.15
C ILE B 163 -14.96 16.85 21.30
N HIS B 164 -14.69 15.64 20.87
CA HIS B 164 -15.55 14.52 21.24
C HIS B 164 -14.80 13.77 22.26
N MET B 165 -15.50 13.26 23.26
CA MET B 165 -14.81 12.50 24.25
C MET B 165 -15.05 11.06 24.06
N ALA B 166 -13.98 10.29 23.93
CA ALA B 166 -14.13 8.86 23.75
C ALA B 166 -14.25 8.10 25.08
N LEU B 167 -15.18 7.18 25.12
CA LEU B 167 -15.41 6.37 26.28
C LEU B 167 -15.19 4.93 25.97
N ASN B 168 -14.59 4.21 26.90
CA ASN B 168 -14.29 2.81 26.64
C ASN B 168 -15.42 1.83 26.96
N SER B 169 -16.65 2.23 26.67
CA SER B 169 -17.83 1.48 27.09
C SER B 169 -17.89 0.05 26.58
N SER B 170 -17.31 -0.21 25.41
CA SER B 170 -17.43 -1.54 24.82
C SER B 170 -16.12 -2.27 25.00
N GLY B 171 -15.10 -1.52 25.40
CA GLY B 171 -13.80 -2.10 25.77
C GLY B 171 -12.82 -2.33 24.63
N MET B 172 -12.80 -1.41 23.65
CA MET B 172 -11.75 -1.41 22.65
C MET B 172 -10.40 -1.23 23.36
N SER B 173 -10.42 -0.46 24.45
CA SER B 173 -9.19 -0.03 25.13
C SER B 173 -8.23 0.57 24.12
N ARG B 174 -8.76 1.34 23.19
CA ARG B 174 -7.95 1.94 22.17
C ARG B 174 -7.91 3.47 22.34
N ASN B 175 -9.04 4.15 22.14
CA ASN B 175 -9.09 5.63 22.22
C ASN B 175 -9.72 6.21 23.51
N GLY B 176 -10.54 5.42 24.21
CA GLY B 176 -11.46 5.99 25.20
C GLY B 176 -11.03 5.92 26.66
N VAL B 177 -11.56 6.82 27.49
CA VAL B 177 -11.41 6.68 28.94
C VAL B 177 -12.21 5.54 29.57
N GLU B 178 -11.54 4.78 30.44
CA GLU B 178 -12.20 3.71 31.16
C GLU B 178 -13.14 4.28 32.23
N MET B 179 -14.41 4.45 31.91
CA MET B 179 -15.35 4.97 32.90
C MET B 179 -15.82 3.89 33.84
N ALA B 180 -15.37 2.65 33.67
CA ALA B 180 -15.73 1.60 34.64
C ALA B 180 -14.87 1.62 35.92
N THR B 181 -13.98 2.61 36.03
CA THR B 181 -13.21 2.81 37.25
C THR B 181 -13.44 4.23 37.76
N TRP B 182 -13.08 4.45 39.02
CA TRP B 182 -13.16 5.76 39.65
C TRP B 182 -12.10 6.75 39.15
N SER B 183 -10.90 6.27 38.86
CA SER B 183 -9.89 7.18 38.27
C SER B 183 -10.36 7.59 36.88
N GLY B 184 -10.98 6.63 36.16
CA GLY B 184 -11.61 6.91 34.87
C GLY B 184 -12.56 8.09 34.96
N ARG B 185 -13.54 7.95 35.85
CA ARG B 185 -14.50 9.02 36.07
C ARG B 185 -13.83 10.37 36.35
N GLY B 186 -12.75 10.36 37.13
CA GLY B 186 -12.07 11.61 37.45
C GLY B 186 -11.44 12.19 36.20
N GLU B 187 -10.76 11.34 35.44
CA GLU B 187 -10.17 11.78 34.18
C GLU B 187 -11.27 12.43 33.33
N ALA B 188 -12.39 11.73 33.19
CA ALA B 188 -13.56 12.27 32.47
C ALA B 188 -13.95 13.66 32.92
N LEU B 189 -14.11 13.83 34.24
CA LEU B 189 -14.49 15.14 34.74
C LEU B 189 -13.40 16.18 34.43
N GLN B 190 -12.15 15.74 34.49
CA GLN B 190 -11.03 16.64 34.23
C GLN B 190 -11.14 17.15 32.79
N ILE B 191 -11.47 16.24 31.86
CA ILE B 191 -11.56 16.60 30.46
C ILE B 191 -12.61 17.69 30.30
N THR B 192 -13.80 17.46 30.87
CA THR B 192 -14.86 18.47 30.78
C THR B 192 -14.47 19.82 31.43
N ASP B 193 -13.37 19.84 32.18
CA ASP B 193 -12.98 21.08 32.89
C ASP B 193 -12.06 22.02 32.11
N GLN B 194 -11.71 21.67 30.89
CA GLN B 194 -10.70 22.42 30.20
C GLN B 194 -11.29 23.70 29.57
N LYS B 195 -10.63 24.82 29.80
CA LYS B 195 -11.23 26.12 29.51
C LYS B 195 -11.31 26.38 28.01
N HIS B 196 -10.33 25.90 27.25
CA HIS B 196 -10.31 26.13 25.80
C HIS B 196 -10.81 24.91 24.98
N LEU B 197 -11.40 23.95 25.67
CA LEU B 197 -12.04 22.84 25.01
C LEU B 197 -13.55 22.92 25.19
N LYS B 198 -14.29 22.77 24.10
CA LYS B 198 -15.75 22.77 24.18
C LYS B 198 -16.23 21.40 23.80
N LEU B 199 -16.70 20.66 24.79
CA LEU B 199 -17.19 19.31 24.60
C LEU B 199 -18.52 19.32 23.83
N VAL B 200 -18.55 18.72 22.65
CA VAL B 200 -19.77 18.70 21.85
C VAL B 200 -20.36 17.30 21.75
N ALA B 201 -19.68 16.29 22.32
CA ALA B 201 -20.14 14.91 22.08
C ALA B 201 -19.49 13.90 22.97
N LEU B 202 -20.14 12.77 23.13
CA LEU B 202 -19.51 11.63 23.76
C LEU B 202 -19.68 10.47 22.85
N MET B 203 -18.68 9.61 22.76
CA MET B 203 -18.77 8.49 21.86
C MET B 203 -18.13 7.24 22.39
N THR B 204 -18.49 6.11 21.80
CA THR B 204 -17.73 4.92 22.02
C THR B 204 -17.71 4.14 20.70
N HIS B 205 -17.00 3.01 20.68
CA HIS B 205 -16.87 2.17 19.50
C HIS B 205 -16.94 0.70 19.91
N PHE B 206 -17.69 -0.08 19.15
CA PHE B 206 -18.00 -1.45 19.50
C PHE B 206 -16.87 -2.36 19.05
N ALA B 207 -16.58 -3.39 19.86
CA ALA B 207 -15.41 -4.20 19.64
C ALA B 207 -15.77 -5.49 18.97
N VAL B 208 -17.03 -5.89 19.05
CA VAL B 208 -17.40 -7.18 18.46
C VAL B 208 -18.64 -7.04 17.60
N GLU B 209 -18.61 -7.58 16.41
CA GLU B 209 -19.75 -7.48 15.50
C GLU B 209 -20.70 -8.59 15.83
N ASP B 210 -21.39 -8.38 16.93
CA ASP B 210 -22.29 -9.37 17.47
C ASP B 210 -23.42 -8.63 18.20
N LYS B 211 -24.67 -8.99 17.87
CA LYS B 211 -25.80 -8.24 18.41
C LYS B 211 -25.76 -8.14 19.93
N ASP B 212 -25.59 -9.28 20.61
CA ASP B 212 -25.58 -9.29 22.07
C ASP B 212 -24.42 -8.49 22.67
N ASP B 213 -23.21 -8.74 22.17
CA ASP B 213 -22.07 -7.96 22.59
C ASP B 213 -22.35 -6.47 22.41
N VAL B 214 -22.95 -6.10 21.27
CA VAL B 214 -23.31 -4.72 21.05
C VAL B 214 -24.27 -4.15 22.13
N ARG B 215 -25.29 -4.92 22.52
CA ARG B 215 -26.26 -4.42 23.50
C ARG B 215 -25.61 -4.23 24.87
N LYS B 216 -24.83 -5.22 25.29
CA LYS B 216 -23.95 -5.10 26.47
C LYS B 216 -23.21 -3.76 26.46
N GLY B 217 -22.55 -3.43 25.36
CA GLY B 217 -21.76 -2.18 25.28
C GLY B 217 -22.66 -0.97 25.27
N LEU B 218 -23.77 -1.08 24.54
CA LEU B 218 -24.77 -0.02 24.50
C LEU B 218 -25.31 0.33 25.91
N ALA B 219 -25.70 -0.69 26.69
CA ALA B 219 -26.18 -0.46 28.08
C ALA B 219 -25.12 0.28 28.90
N ALA B 220 -23.86 -0.17 28.77
CA ALA B 220 -22.78 0.48 29.52
C ALA B 220 -22.62 1.93 29.07
N PHE B 221 -22.72 2.17 27.76
CA PHE B 221 -22.52 3.54 27.20
C PHE B 221 -23.57 4.50 27.78
N ASN B 222 -24.84 4.05 27.78
CA ASN B 222 -25.96 4.81 28.34
C ASN B 222 -25.81 5.17 29.84
N GLU B 223 -25.51 4.17 30.67
CA GLU B 223 -25.14 4.40 32.06
C GLU B 223 -24.03 5.40 32.20
N GLN B 224 -22.93 5.16 31.48
CA GLN B 224 -21.70 5.92 31.72
C GLN B 224 -21.84 7.37 31.21
N THR B 225 -22.67 7.55 30.19
CA THR B 225 -23.00 8.90 29.68
C THR B 225 -24.00 9.63 30.62
N ASP B 226 -24.96 8.87 31.15
CA ASP B 226 -25.80 9.38 32.25
C ASP B 226 -24.94 9.87 33.41
N TRP B 227 -24.08 8.97 33.89
CA TRP B 227 -23.29 9.31 35.02
C TRP B 227 -22.57 10.64 34.71
N LEU B 228 -21.94 10.71 33.56
CA LEU B 228 -21.09 11.85 33.26
C LEU B 228 -21.92 13.15 33.12
N ILE B 229 -23.10 13.05 32.51
CA ILE B 229 -23.91 14.22 32.20
C ILE B 229 -24.38 14.89 33.50
N LYS B 230 -24.81 14.02 34.43
CA LYS B 230 -25.21 14.36 35.78
C LYS B 230 -24.06 15.06 36.48
N HIS B 231 -22.95 14.34 36.62
CA HIS B 231 -21.88 14.78 37.48
C HIS B 231 -21.10 15.93 36.93
N ALA B 232 -21.10 16.11 35.62
CA ALA B 232 -20.36 17.26 35.08
C ALA B 232 -21.32 18.39 34.90
N LYS B 233 -22.59 18.10 35.18
CA LYS B 233 -23.68 19.08 34.96
C LYS B 233 -23.65 19.52 33.50
N LEU B 234 -23.78 18.57 32.57
CA LEU B 234 -23.74 18.93 31.16
C LEU B 234 -25.13 19.04 30.61
N ASP B 235 -25.31 19.97 29.68
CA ASP B 235 -26.55 20.13 28.94
C ASP B 235 -26.72 19.01 27.89
N ARG B 236 -27.51 17.98 28.22
CA ARG B 236 -27.69 16.80 27.37
C ARG B 236 -28.05 17.20 25.93
N SER B 237 -28.76 18.32 25.81
CA SER B 237 -29.29 18.72 24.53
C SER B 237 -28.23 19.45 23.73
N LYS B 238 -27.10 19.74 24.36
CA LYS B 238 -25.98 20.34 23.63
C LYS B 238 -24.93 19.29 23.27
N LEU B 239 -25.27 18.01 23.45
CA LEU B 239 -24.34 16.90 23.24
C LEU B 239 -24.85 15.94 22.18
N THR B 240 -23.94 15.47 21.34
CA THR B 240 -24.27 14.34 20.45
C THR B 240 -23.75 13.06 21.04
N LEU B 241 -24.60 12.07 21.19
CA LEU B 241 -24.12 10.77 21.61
C LEU B 241 -24.09 9.88 20.40
N HIS B 242 -22.94 9.23 20.17
CA HIS B 242 -22.78 8.32 19.04
C HIS B 242 -21.92 7.14 19.34
N ALA B 243 -22.43 5.95 19.05
CA ALA B 243 -21.70 4.71 19.27
C ALA B 243 -21.55 3.83 17.99
N ALA B 244 -22.54 3.90 17.11
CA ALA B 244 -22.74 2.80 16.15
C ALA B 244 -21.91 2.98 14.86
N ASN B 245 -21.25 1.91 14.45
CA ASN B 245 -20.64 1.86 13.16
C ASN B 245 -21.66 1.21 12.22
N SER B 246 -21.20 0.57 11.16
CA SER B 246 -22.08 0.01 10.16
C SER B 246 -22.86 -1.17 10.70
N PHE B 247 -22.20 -2.09 11.38
CA PHE B 247 -22.90 -3.29 11.82
C PHE B 247 -23.97 -2.92 12.84
N ALA B 248 -23.58 -2.19 13.87
CA ALA B 248 -24.52 -1.75 14.90
C ALA B 248 -25.67 -1.00 14.27
N THR B 249 -25.36 -0.07 13.37
CA THR B 249 -26.41 0.69 12.75
C THR B 249 -27.42 -0.21 12.09
N LEU B 250 -26.97 -1.24 11.40
CA LEU B 250 -27.91 -2.08 10.63
C LEU B 250 -28.56 -3.16 11.46
N GLU B 251 -27.91 -3.56 12.54
CA GLU B 251 -28.27 -4.81 13.24
C GLU B 251 -28.84 -4.57 14.64
N VAL B 252 -28.60 -3.37 15.17
CA VAL B 252 -29.08 -2.99 16.50
C VAL B 252 -29.53 -1.51 16.49
N PRO B 253 -30.71 -1.25 15.94
CA PRO B 253 -31.19 0.12 15.71
C PRO B 253 -31.30 0.93 16.99
N GLU B 254 -31.39 0.27 18.13
CA GLU B 254 -31.46 1.05 19.37
C GLU B 254 -30.10 1.66 19.68
N ALA B 255 -29.06 1.19 18.98
CA ALA B 255 -27.73 1.78 19.14
C ALA B 255 -27.51 3.04 18.30
N ARG B 256 -28.53 3.49 17.58
CA ARG B 256 -28.35 4.62 16.62
C ARG B 256 -28.22 5.97 17.24
N LEU B 257 -28.92 6.20 18.36
CA LEU B 257 -28.71 7.38 19.18
C LEU B 257 -28.79 8.62 18.32
N ASP B 258 -27.96 9.63 18.59
CA ASP B 258 -28.09 10.92 17.90
C ASP B 258 -27.49 10.88 16.46
N MET B 259 -26.58 9.94 16.23
CA MET B 259 -25.69 9.99 15.08
C MET B 259 -24.97 8.69 14.96
N VAL B 260 -24.88 8.19 13.74
CA VAL B 260 -24.09 6.99 13.45
C VAL B 260 -22.83 7.31 12.66
N ARG B 261 -21.87 6.38 12.69
CA ARG B 261 -20.59 6.51 12.00
C ARG B 261 -20.46 5.32 11.08
N THR B 262 -20.79 5.48 9.81
CA THR B 262 -20.75 4.34 8.89
C THR B 262 -19.62 4.42 7.87
N GLY B 263 -18.84 3.36 7.82
CA GLY B 263 -17.75 3.28 6.88
C GLY B 263 -18.15 2.32 5.81
N GLY B 264 -18.12 1.04 6.14
CA GLY B 264 -18.19 0.00 5.14
C GLY B 264 -19.47 -0.01 4.34
N ALA B 265 -20.57 0.27 5.02
CA ALA B 265 -21.84 0.28 4.36
C ALA B 265 -21.85 1.24 3.16
N LEU B 266 -21.26 2.43 3.31
CA LEU B 266 -21.13 3.36 2.18
C LEU B 266 -20.52 2.69 0.95
N PHE B 267 -19.69 1.66 1.19
CA PHE B 267 -18.91 1.05 0.11
C PHE B 267 -19.29 -0.35 -0.20
N GLY B 268 -20.33 -0.83 0.46
CA GLY B 268 -20.85 -2.16 0.22
C GLY B 268 -20.01 -3.21 0.86
N ASP B 269 -19.26 -2.84 1.89
CA ASP B 269 -18.48 -3.86 2.64
C ASP B 269 -19.07 -3.92 4.02
N THR B 270 -20.05 -4.77 4.19
CA THR B 270 -20.72 -4.81 5.47
C THR B 270 -21.30 -6.17 5.67
N VAL B 271 -22.32 -6.26 6.54
CA VAL B 271 -23.09 -7.48 6.75
C VAL B 271 -23.43 -8.16 5.42
N PRO B 272 -23.03 -9.43 5.29
CA PRO B 272 -23.13 -10.09 4.00
C PRO B 272 -24.56 -10.24 3.49
N ALA B 273 -25.52 -10.39 4.41
CA ALA B 273 -26.95 -10.48 4.06
C ALA B 273 -27.55 -9.16 3.60
N ARG B 274 -26.97 -8.03 4.00
CA ARG B 274 -27.51 -6.73 3.61
C ARG B 274 -27.10 -6.36 2.19
N THR B 275 -27.83 -6.90 1.24
CA THR B 275 -27.41 -6.88 -0.12
C THR B 275 -27.95 -5.61 -0.79
N GLU B 276 -28.75 -4.87 -0.07
CA GLU B 276 -29.15 -3.58 -0.57
C GLU B 276 -27.95 -2.59 -0.73
N TYR B 277 -26.83 -2.88 -0.05
CA TYR B 277 -25.63 -2.05 -0.20
C TYR B 277 -24.71 -2.61 -1.27
N GLN B 278 -24.41 -1.80 -2.27
CA GLN B 278 -23.67 -2.25 -3.46
C GLN B 278 -22.16 -2.05 -3.32
N ARG B 279 -21.40 -3.01 -3.82
CA ARG B 279 -19.94 -3.00 -3.82
C ARG B 279 -19.41 -1.84 -4.66
N ALA B 280 -18.63 -0.94 -4.09
CA ALA B 280 -18.30 0.27 -4.84
C ALA B 280 -16.93 0.20 -5.55
N MET B 281 -16.22 -0.88 -5.32
CA MET B 281 -14.86 -1.02 -5.80
C MET B 281 -14.59 -2.32 -6.57
N GLN B 282 -13.85 -2.19 -7.66
CA GLN B 282 -13.23 -3.36 -8.27
C GLN B 282 -11.74 -3.10 -8.51
N PHE B 283 -10.95 -4.18 -8.48
CA PHE B 283 -9.52 -4.07 -8.67
C PHE B 283 -9.12 -4.80 -9.98
N LYS B 284 -8.54 -4.04 -10.94
CA LYS B 284 -8.30 -4.58 -12.30
C LYS B 284 -6.89 -4.38 -12.79
N SER B 285 -6.54 -5.18 -13.80
CA SER B 285 -5.28 -4.99 -14.51
C SER B 285 -5.35 -5.41 -16.00
N HIS B 286 -4.19 -5.51 -16.65
CA HIS B 286 -4.10 -5.90 -18.05
C HIS B 286 -3.26 -7.13 -18.24
N VAL B 287 -3.58 -7.87 -19.29
CA VAL B 287 -2.67 -8.82 -19.92
C VAL B 287 -1.68 -8.11 -20.84
N ALA B 288 -0.39 -8.25 -20.56
CA ALA B 288 0.61 -7.66 -21.43
C ALA B 288 0.87 -8.57 -22.65
N ALA B 289 0.88 -9.89 -22.41
CA ALA B 289 1.19 -10.87 -23.44
C ALA B 289 0.97 -12.27 -22.91
N VAL B 290 0.77 -13.22 -23.83
CA VAL B 290 0.65 -14.61 -23.47
C VAL B 290 1.81 -15.38 -24.10
N HIS B 291 2.46 -16.23 -23.32
CA HIS B 291 3.68 -16.87 -23.75
C HIS B 291 3.51 -18.38 -23.74
N SER B 292 4.23 -19.05 -24.64
CA SER B 292 4.34 -20.49 -24.65
C SER B 292 5.56 -20.95 -23.88
N TYR B 293 5.36 -21.95 -23.02
CA TYR B 293 6.47 -22.58 -22.30
C TYR B 293 6.28 -24.10 -22.21
N PRO B 294 7.38 -24.86 -22.33
CA PRO B 294 7.24 -26.32 -22.47
C PRO B 294 7.10 -26.97 -21.12
N ALA B 295 6.50 -28.16 -21.11
CA ALA B 295 6.39 -29.01 -19.89
C ALA B 295 7.72 -29.06 -19.16
N GLY B 296 7.67 -29.00 -17.84
CA GLY B 296 8.89 -29.14 -17.07
C GLY B 296 9.62 -27.84 -16.78
N ASN B 297 9.38 -26.79 -17.56
CA ASN B 297 9.72 -25.44 -17.12
C ASN B 297 9.15 -25.14 -15.74
N THR B 298 9.84 -24.31 -14.96
CA THR B 298 9.27 -23.84 -13.71
C THR B 298 8.86 -22.37 -13.85
N VAL B 299 7.99 -21.89 -12.95
CA VAL B 299 7.55 -20.46 -13.00
C VAL B 299 7.91 -19.61 -11.77
N GLY B 300 8.54 -18.47 -12.01
CA GLY B 300 8.76 -17.48 -10.96
C GLY B 300 9.93 -17.80 -10.02
N TYR B 301 10.18 -16.87 -9.09
CA TYR B 301 11.33 -16.98 -8.19
C TYR B 301 11.26 -18.28 -7.38
N ASP B 302 12.40 -18.91 -7.15
CA ASP B 302 12.46 -20.21 -6.42
C ASP B 302 11.69 -21.38 -7.02
N ARG B 303 11.24 -21.25 -8.27
CA ARG B 303 10.76 -22.41 -9.03
C ARG B 303 9.62 -23.13 -8.32
N THR B 304 8.66 -22.39 -7.79
CA THR B 304 7.67 -23.01 -6.89
C THR B 304 6.52 -23.73 -7.59
N PHE B 305 6.44 -23.61 -8.90
CA PHE B 305 5.40 -24.25 -9.69
C PHE B 305 6.03 -24.87 -10.93
N THR B 306 5.66 -26.11 -11.22
CA THR B 306 6.24 -26.81 -12.36
C THR B 306 5.15 -27.09 -13.37
N LEU B 307 5.39 -26.68 -14.62
CA LEU B 307 4.44 -26.95 -15.68
C LEU B 307 4.37 -28.47 -15.97
N ALA B 308 3.18 -29.03 -15.89
CA ALA B 308 2.97 -30.46 -16.08
C ALA B 308 2.58 -30.76 -17.53
N ARG B 309 2.49 -29.70 -18.35
CA ARG B 309 2.08 -29.80 -19.75
C ARG B 309 2.60 -28.57 -20.51
N ASP B 310 2.76 -28.68 -21.83
CA ASP B 310 3.03 -27.52 -22.66
C ASP B 310 1.97 -26.41 -22.40
N SER B 311 2.43 -25.20 -22.10
CA SER B 311 1.56 -24.24 -21.46
C SER B 311 1.47 -22.90 -22.17
N ARG B 312 0.38 -22.18 -21.92
CA ARG B 312 0.29 -20.77 -22.29
C ARG B 312 0.12 -20.00 -20.99
N LEU B 313 1.03 -19.08 -20.75
CA LEU B 313 1.08 -18.38 -19.49
C LEU B 313 0.81 -16.94 -19.81
N ALA B 314 -0.18 -16.34 -19.17
CA ALA B 314 -0.41 -14.90 -19.36
C ALA B 314 0.37 -14.09 -18.35
N ASN B 315 0.99 -13.03 -18.86
CA ASN B 315 1.77 -12.06 -18.10
C ASN B 315 0.91 -10.85 -17.79
N ILE B 316 0.64 -10.65 -16.52
CA ILE B 316 -0.28 -9.61 -16.09
C ILE B 316 0.48 -8.54 -15.34
N THR B 317 0.22 -7.29 -15.68
CA THR B 317 1.04 -6.17 -15.21
C THR B 317 0.60 -5.65 -13.83
N VAL B 318 0.64 -6.54 -12.84
CA VAL B 318 0.37 -6.18 -11.48
C VAL B 318 1.23 -7.06 -10.62
N GLY B 319 1.62 -6.57 -9.45
CA GLY B 319 2.47 -7.32 -8.53
C GLY B 319 2.35 -6.84 -7.10
N TYR B 320 3.17 -7.36 -6.18
CA TYR B 320 2.93 -7.09 -4.77
C TYR B 320 3.18 -5.65 -4.43
N SER B 321 3.95 -4.96 -5.26
CA SER B 321 4.17 -3.54 -4.99
C SER B 321 2.95 -2.73 -5.34
N ASP B 322 2.05 -3.32 -6.13
CA ASP B 322 0.73 -2.76 -6.44
C ASP B 322 -0.36 -3.22 -5.40
N GLY B 323 0.02 -4.07 -4.44
CA GLY B 323 -0.90 -4.48 -3.37
C GLY B 323 -1.44 -5.87 -3.63
N TYR B 324 -1.05 -6.46 -4.75
CA TYR B 324 -1.39 -7.84 -4.96
C TYR B 324 -0.35 -8.73 -4.24
N ARG B 325 -0.66 -8.99 -2.98
CA ARG B 325 0.26 -9.45 -1.98
C ARG B 325 0.91 -10.81 -2.32
N ARG B 326 2.12 -11.02 -1.82
CA ARG B 326 2.89 -12.27 -2.08
C ARG B 326 2.14 -13.51 -1.59
N VAL B 327 1.31 -13.35 -0.58
CA VAL B 327 0.52 -14.44 -0.07
C VAL B 327 -0.37 -15.09 -1.15
N PHE B 328 -0.76 -14.36 -2.18
CA PHE B 328 -1.55 -14.91 -3.31
C PHE B 328 -0.80 -15.90 -4.24
N THR B 329 0.50 -16.06 -3.99
CA THR B 329 1.34 -17.03 -4.70
C THR B 329 0.69 -18.42 -4.76
N ASN B 330 0.63 -18.98 -5.96
CA ASN B 330 0.00 -20.31 -6.18
C ASN B 330 -1.33 -20.43 -5.49
N LYS B 331 -1.97 -19.29 -5.23
CA LYS B 331 -3.24 -19.32 -4.55
C LYS B 331 -4.33 -18.51 -5.19
N GLY B 332 -4.02 -17.30 -5.64
CA GLY B 332 -5.02 -16.41 -6.22
C GLY B 332 -5.65 -16.92 -7.51
N HIS B 333 -6.86 -16.43 -7.81
CA HIS B 333 -7.46 -16.62 -9.12
C HIS B 333 -7.82 -15.27 -9.64
N VAL B 334 -7.77 -15.08 -10.95
CA VAL B 334 -8.23 -13.83 -11.54
C VAL B 334 -9.30 -14.12 -12.59
N LEU B 335 -9.94 -13.08 -13.15
CA LEU B 335 -10.87 -13.25 -14.25
C LEU B 335 -10.39 -12.57 -15.49
N ILE B 336 -10.42 -13.31 -16.59
CA ILE B 336 -10.18 -12.77 -17.92
C ILE B 336 -11.24 -13.36 -18.86
N ASN B 337 -11.89 -12.52 -19.65
CA ASN B 337 -13.01 -12.97 -20.48
C ASN B 337 -14.01 -13.84 -19.72
N GLY B 338 -14.22 -13.50 -18.46
CA GLY B 338 -15.09 -14.25 -17.59
C GLY B 338 -14.56 -15.58 -17.08
N HIS B 339 -13.35 -15.95 -17.45
CA HIS B 339 -12.83 -17.25 -17.02
C HIS B 339 -12.09 -17.16 -15.69
N ARG B 340 -12.27 -18.16 -14.83
CA ARG B 340 -11.57 -18.21 -13.58
C ARG B 340 -10.18 -18.82 -13.82
N ILE B 341 -9.12 -18.05 -13.57
CA ILE B 341 -7.80 -18.44 -14.06
C ILE B 341 -6.78 -18.42 -12.92
N PRO B 342 -5.98 -19.47 -12.77
CA PRO B 342 -5.16 -19.50 -11.54
C PRO B 342 -3.81 -18.77 -11.68
N VAL B 343 -3.42 -18.11 -10.60
CA VAL B 343 -2.07 -17.59 -10.40
C VAL B 343 -1.08 -18.73 -10.27
N VAL B 344 -0.03 -18.68 -11.08
CA VAL B 344 1.08 -19.64 -10.96
C VAL B 344 2.41 -18.97 -10.64
N GLY B 345 3.13 -19.55 -9.68
CA GLY B 345 4.44 -19.10 -9.28
C GLY B 345 4.32 -18.04 -8.21
N LYS B 346 5.47 -17.59 -7.73
CA LYS B 346 5.52 -16.45 -6.84
C LYS B 346 5.08 -15.17 -7.56
N VAL B 347 4.27 -14.38 -6.88
CA VAL B 347 3.90 -13.06 -7.36
C VAL B 347 5.17 -12.20 -7.36
N SER B 348 5.48 -11.56 -8.47
CA SER B 348 6.66 -10.73 -8.51
C SER B 348 6.27 -9.36 -7.99
N MET B 349 7.27 -8.51 -7.82
CA MET B 349 7.05 -7.14 -7.43
C MET B 349 6.07 -6.40 -8.35
N ASN B 350 6.19 -6.64 -9.64
CA ASN B 350 5.43 -5.86 -10.64
C ASN B 350 4.67 -6.71 -11.65
N THR B 351 4.75 -8.03 -11.55
CA THR B 351 4.21 -8.88 -12.62
C THR B 351 3.65 -10.09 -11.97
N LEU B 352 2.57 -10.61 -12.52
CA LEU B 352 1.89 -11.79 -11.98
C LEU B 352 1.68 -12.79 -13.15
N MET B 353 2.00 -14.07 -12.94
CA MET B 353 1.79 -15.07 -14.00
C MET B 353 0.59 -15.95 -13.72
N VAL B 354 -0.27 -16.10 -14.73
CA VAL B 354 -1.48 -16.95 -14.62
C VAL B 354 -1.53 -17.94 -15.76
N ASP B 355 -2.17 -19.08 -15.52
CA ASP B 355 -2.16 -20.18 -16.48
C ASP B 355 -3.37 -20.11 -17.44
N VAL B 356 -3.12 -19.87 -18.72
CA VAL B 356 -4.24 -19.75 -19.63
C VAL B 356 -4.21 -20.87 -20.68
N THR B 357 -3.65 -22.01 -20.30
CA THR B 357 -3.61 -23.15 -21.21
C THR B 357 -5.03 -23.61 -21.58
N ASP B 358 -5.96 -23.59 -20.62
CA ASP B 358 -7.34 -24.01 -20.89
C ASP B 358 -8.19 -22.92 -21.52
N PHE B 359 -7.60 -21.75 -21.79
CA PHE B 359 -8.37 -20.58 -22.21
C PHE B 359 -7.77 -19.83 -23.39
N PRO B 360 -7.90 -20.40 -24.59
CA PRO B 360 -7.27 -19.85 -25.80
C PRO B 360 -7.82 -18.49 -26.21
N ASP B 361 -8.95 -18.07 -25.66
CA ASP B 361 -9.43 -16.74 -26.01
C ASP B 361 -8.68 -15.60 -25.32
N VAL B 362 -7.80 -15.90 -24.37
CA VAL B 362 -7.04 -14.85 -23.67
C VAL B 362 -5.92 -14.32 -24.55
N LYS B 363 -5.89 -12.99 -24.71
CA LYS B 363 -4.95 -12.30 -25.57
C LYS B 363 -4.34 -11.06 -24.86
N GLY B 364 -3.13 -10.66 -25.26
CA GLY B 364 -2.63 -9.31 -24.97
C GLY B 364 -3.74 -8.27 -25.11
N GLY B 365 -3.87 -7.37 -24.13
CA GLY B 365 -4.89 -6.35 -24.15
C GLY B 365 -6.08 -6.66 -23.25
N ASN B 366 -6.34 -7.93 -22.99
CA ASN B 366 -7.52 -8.26 -22.22
C ASN B 366 -7.48 -7.68 -20.80
N GLU B 367 -8.64 -7.24 -20.34
CA GLU B 367 -8.82 -6.71 -19.02
C GLU B 367 -8.91 -7.88 -18.02
N VAL B 368 -8.21 -7.74 -16.91
CA VAL B 368 -8.16 -8.77 -15.86
C VAL B 368 -8.88 -8.23 -14.63
N VAL B 369 -9.73 -9.04 -14.02
CA VAL B 369 -10.31 -8.63 -12.76
C VAL B 369 -9.63 -9.38 -11.64
N LEU B 370 -9.10 -8.61 -10.70
CA LEU B 370 -8.37 -9.16 -9.59
C LEU B 370 -9.29 -9.30 -8.40
N PHE B 371 -10.22 -8.36 -8.27
CA PHE B 371 -11.28 -8.46 -7.28
C PHE B 371 -12.53 -7.86 -7.88
N GLY B 372 -13.61 -8.62 -7.85
CA GLY B 372 -14.89 -8.15 -8.37
C GLY B 372 -15.52 -9.12 -9.36
N LYS B 373 -16.30 -8.58 -10.28
CA LYS B 373 -17.16 -9.37 -11.17
C LYS B 373 -16.77 -9.14 -12.60
N GLN B 374 -16.87 -10.20 -13.39
CA GLN B 374 -16.63 -10.13 -14.81
C GLN B 374 -17.44 -11.19 -15.51
N ALA B 375 -18.33 -10.73 -16.38
CA ALA B 375 -19.15 -11.57 -17.25
C ALA B 375 -19.50 -12.96 -16.65
N GLY B 376 -20.16 -12.98 -15.50
CA GLY B 376 -20.63 -14.26 -14.95
C GLY B 376 -19.69 -14.85 -13.90
N GLY B 377 -18.39 -14.55 -13.99
CA GLY B 377 -17.45 -14.86 -12.92
C GLY B 377 -17.43 -13.86 -11.77
N GLU B 378 -17.08 -14.36 -10.57
CA GLU B 378 -16.81 -13.50 -9.42
C GLU B 378 -15.57 -13.89 -8.60
N ILE B 379 -14.65 -12.94 -8.38
CA ILE B 379 -13.64 -13.12 -7.30
C ILE B 379 -14.19 -12.48 -6.03
N THR B 380 -14.52 -13.32 -5.03
CA THR B 380 -15.32 -12.89 -3.88
C THR B 380 -14.49 -12.28 -2.76
N GLN B 381 -15.14 -11.50 -1.92
CA GLN B 381 -14.56 -11.06 -0.67
C GLN B 381 -14.10 -12.24 0.14
N ALA B 382 -14.94 -13.28 0.22
CA ALA B 382 -14.68 -14.48 1.07
C ALA B 382 -13.43 -15.21 0.66
N GLU B 383 -13.27 -15.43 -0.64
CA GLU B 383 -12.12 -16.21 -1.10
C GLU B 383 -10.82 -15.45 -0.91
N MET B 384 -10.85 -14.15 -1.13
CA MET B 384 -9.70 -13.36 -0.84
C MET B 384 -9.33 -13.21 0.64
N GLU B 385 -10.32 -13.04 1.49
CA GLU B 385 -10.13 -13.12 2.94
C GLU B 385 -9.56 -14.48 3.39
N GLU B 386 -9.88 -15.55 2.69
CA GLU B 386 -9.36 -16.89 3.07
C GLU B 386 -7.87 -17.02 2.77
N ILE B 387 -7.45 -16.47 1.63
CA ILE B 387 -6.06 -16.56 1.28
C ILE B 387 -5.23 -15.60 2.12
N ASN B 388 -5.84 -14.51 2.57
CA ASN B 388 -5.09 -13.41 3.17
C ASN B 388 -4.92 -13.61 4.69
N GLY B 389 -5.84 -14.39 5.29
CA GLY B 389 -5.85 -14.61 6.71
C GLY B 389 -6.40 -13.44 7.50
N ALA B 390 -6.93 -12.41 6.82
CA ALA B 390 -7.57 -11.28 7.52
C ALA B 390 -8.58 -10.54 6.62
N LEU B 391 -9.33 -9.59 7.18
CA LEU B 391 -10.41 -8.96 6.46
C LEU B 391 -9.89 -8.23 5.20
N LEU B 392 -10.79 -8.04 4.26
CA LEU B 392 -10.46 -7.54 2.95
C LEU B 392 -9.93 -6.10 2.98
N ALA B 393 -10.41 -5.29 3.91
CA ALA B 393 -9.95 -3.89 4.04
C ALA B 393 -8.44 -3.85 4.26
N ASP B 394 -7.89 -4.93 4.81
CA ASP B 394 -6.46 -4.99 5.09
C ASP B 394 -5.73 -5.09 3.75
N LEU B 395 -6.46 -5.48 2.69
CA LEU B 395 -5.95 -5.40 1.29
C LEU B 395 -6.41 -4.12 0.56
N TYR B 396 -7.70 -3.81 0.55
CA TYR B 396 -8.15 -2.82 -0.42
C TYR B 396 -7.75 -1.39 -0.07
N THR B 397 -7.58 -1.07 1.22
CA THR B 397 -7.09 0.27 1.60
C THR B 397 -5.67 0.51 1.07
N VAL B 398 -4.92 -0.56 0.92
CA VAL B 398 -3.61 -0.51 0.33
C VAL B 398 -3.61 -0.59 -1.22
N TRP B 399 -4.55 -1.33 -1.80
CA TRP B 399 -4.78 -1.24 -3.26
C TRP B 399 -5.01 0.21 -3.65
N GLY B 400 -5.84 0.92 -2.87
CA GLY B 400 -6.23 2.28 -3.17
C GLY B 400 -5.07 3.23 -3.12
N SER B 401 -4.13 3.00 -2.20
CA SER B 401 -2.94 3.83 -2.11
C SER B 401 -1.95 3.54 -3.23
N SER B 402 -1.96 2.31 -3.73
CA SER B 402 -0.83 1.84 -4.55
C SER B 402 -1.11 1.91 -6.06
N ASN B 403 -2.31 2.37 -6.42
CA ASN B 403 -2.82 2.36 -7.78
C ASN B 403 -3.68 3.59 -8.05
N PRO B 404 -3.85 3.97 -9.31
CA PRO B 404 -4.86 4.97 -9.67
C PRO B 404 -6.31 4.53 -9.39
N LYS B 405 -7.09 5.48 -8.88
CA LYS B 405 -8.49 5.33 -8.67
C LYS B 405 -9.18 6.00 -9.84
N ILE B 406 -10.11 5.31 -10.48
CA ILE B 406 -10.86 5.83 -11.62
C ILE B 406 -12.35 5.76 -11.24
N LEU B 407 -13.03 6.91 -11.33
CA LEU B 407 -14.49 6.99 -11.11
C LEU B 407 -15.22 6.44 -12.31
N VAL B 408 -16.10 5.47 -12.10
CA VAL B 408 -17.05 5.04 -13.14
C VAL B 408 -18.54 5.15 -12.67
N ASP B 409 -19.49 4.77 -13.56
CA ASP B 409 -20.97 4.86 -13.31
C ASP B 409 -21.46 6.25 -12.88
S SO4 C . 9.61 -15.35 0.06
O1 SO4 C . 9.40 -14.25 0.98
O2 SO4 C . 8.91 -15.02 -1.16
O3 SO4 C . 11.01 -15.46 -0.23
O4 SO4 C . 8.99 -16.55 0.60
S SO4 D . -9.75 -10.42 10.87
O1 SO4 D . -8.76 -9.46 11.30
O2 SO4 D . -9.95 -10.41 9.46
O3 SO4 D . -9.32 -11.76 11.25
O4 SO4 D . -11.01 -10.05 11.46
S SO4 E . 19.26 15.89 7.85
O1 SO4 E . 19.47 17.12 8.62
O2 SO4 E . 19.74 16.13 6.49
O3 SO4 E . 20.00 14.79 8.48
O4 SO4 E . 17.84 15.54 7.86
S SO4 F . 16.44 -5.01 20.52
O1 SO4 F . 17.88 -4.86 20.33
O2 SO4 F . 15.73 -4.50 19.33
O3 SO4 F . 16.13 -6.43 20.74
O4 SO4 F . 16.03 -4.20 21.65
S SO4 G . 26.14 -23.59 -33.07
O1 SO4 G . 25.80 -22.38 -32.28
O2 SO4 G . 25.83 -23.41 -34.49
O3 SO4 G . 27.59 -23.82 -33.04
O4 SO4 G . 25.39 -24.73 -32.53
S SO4 H . 18.78 6.72 17.56
O1 SO4 H . 18.72 8.12 17.13
O2 SO4 H . 19.27 5.88 16.47
O3 SO4 H . 19.63 6.60 18.74
O4 SO4 H . 17.43 6.28 17.95
S SO4 I . 17.56 -26.02 -28.63
O1 SO4 I . 17.40 -24.58 -28.88
O2 SO4 I . 16.37 -26.69 -29.13
O3 SO4 I . 18.70 -26.58 -29.33
O4 SO4 I . 17.75 -26.20 -27.19
C1 GOL J . -9.68 0.08 12.32
O1 GOL J . -10.86 -0.52 11.86
C2 GOL J . -10.11 1.27 13.12
O2 GOL J . -11.52 1.18 13.06
C3 GOL J . -9.56 2.60 12.54
O3 GOL J . -8.40 3.12 13.20
S SO4 K . -19.21 5.53 -17.00
O1 SO4 K . -18.27 6.58 -17.42
O2 SO4 K . -20.13 5.22 -18.10
O3 SO4 K . -18.48 4.31 -16.62
O4 SO4 K . -20.01 6.02 -15.87
S SO4 L . -16.63 -17.95 -10.77
O1 SO4 L . -15.60 -16.92 -10.63
O2 SO4 L . -17.27 -17.80 -12.08
O3 SO4 L . -16.03 -19.28 -10.68
O4 SO4 L . -17.61 -17.80 -9.70
S SO4 M . -6.68 -24.21 -9.97
O1 SO4 M . -7.09 -23.71 -8.65
O2 SO4 M . -7.24 -23.33 -11.02
O3 SO4 M . -5.22 -24.27 -10.10
O4 SO4 M . -7.18 -25.56 -10.14
S SO4 N . -18.80 -7.42 -16.99
O1 SO4 N . -19.43 -6.10 -17.11
O2 SO4 N . -19.42 -8.36 -17.93
O3 SO4 N . -17.39 -7.31 -17.35
O4 SO4 N . -18.98 -7.87 -15.60
S SO4 O . -10.92 2.14 40.64
O1 SO4 O . -10.45 3.42 40.09
O2 SO4 O . -10.20 1.04 39.99
O3 SO4 O . -10.65 2.10 42.07
O4 SO4 O . -12.37 1.97 40.42
S SO4 P . -15.01 -20.95 -16.99
O1 SO4 P . -14.17 -20.21 -16.04
O2 SO4 P . -15.40 -20.11 -18.12
O3 SO4 P . -14.28 -22.11 -17.51
O4 SO4 P . -16.22 -21.41 -16.30
S SO4 Q . -32.00 -10.61 17.72
O1 SO4 Q . -32.90 -9.94 18.66
O2 SO4 Q . -31.97 -9.82 16.49
O3 SO4 Q . -30.66 -10.72 18.32
O4 SO4 Q . -32.46 -11.96 17.43
C1 GOL R . 9.84 -9.48 -8.81
O1 GOL R . 10.61 -9.17 -7.68
C2 GOL R . 10.31 -8.58 -9.90
O2 GOL R . 11.34 -7.95 -9.22
C3 GOL R . 9.25 -7.52 -10.28
O3 GOL R . 8.51 -7.81 -11.45
#